data_7FT2
#
_entry.id   7FT2
#
_cell.length_a   79.579
_cell.length_b   49.922
_cell.length_c   117.517
_cell.angle_alpha   90.000
_cell.angle_beta   94.550
_cell.angle_gamma   90.000
#
_symmetry.space_group_name_H-M   'P 1 21 1'
#
loop_
_entity.id
_entity.type
_entity.pdbx_description
1 polymer Syntenin-1
2 non-polymer 1,2-ETHANEDIOL
3 non-polymer 'D-GLUTAMIC ACID'
4 non-polymer GLYCINE
5 non-polymer [4-(1H-benzimidazol-1-yl)phenyl]methanol
6 non-polymer ALANINE
7 water water
#
_entity_poly.entity_id   1
_entity_poly.type   'polypeptide(L)'
_entity_poly.pdbx_seq_one_letter_code
;SMAEIKQGIREVILCKDQDGKIGLRLKSIDNGIFVQLVQANSPASLVGLRFGDQVLQINGENCAGWSSDKAHKVLKQAFG
EKITMTIRDRPFERTITMHKDSTGHVGFIFKNGKITSIVKDSSAARNGLLTEHNICEINGQNVIGLKDSQIADILSTSGT
VVTITIMPAFIFEHIIKRMAPSIMKSLMDHTIPEV
;
_entity_poly.pdbx_strand_id   A,B,C,D
#
loop_
_chem_comp.id
_chem_comp.type
_chem_comp.name
_chem_comp.formula
EDO non-polymer 1,2-ETHANEDIOL 'C2 H6 O2'
JFS non-polymer [4-(1H-benzimidazol-1-yl)phenyl]methanol 'C14 H12 N2 O'
#
# COMPACT_ATOMS: atom_id res chain seq x y z
N ILE A 5 2.49 -29.26 0.15
CA ILE A 5 1.75 -28.02 0.57
C ILE A 5 0.41 -28.45 1.18
N LYS A 6 0.22 -28.23 2.50
CA LYS A 6 -1.05 -28.49 3.24
C LYS A 6 -2.15 -27.58 2.69
N GLN A 7 -3.34 -28.14 2.42
CA GLN A 7 -4.48 -27.38 1.82
C GLN A 7 -5.48 -26.97 2.90
N GLY A 8 -5.01 -26.12 3.79
CA GLY A 8 -5.84 -25.06 4.38
C GLY A 8 -5.09 -24.34 5.46
N ILE A 9 -5.68 -24.35 6.63
CA ILE A 9 -5.41 -23.34 7.68
C ILE A 9 -5.16 -24.13 8.94
N ARG A 10 -4.04 -23.88 9.61
CA ARG A 10 -3.69 -24.54 10.90
C ARG A 10 -3.37 -23.46 11.92
N GLU A 11 -3.45 -23.80 13.20
CA GLU A 11 -3.08 -22.90 14.32
C GLU A 11 -1.68 -23.32 14.79
N VAL A 12 -0.83 -22.35 15.12
CA VAL A 12 0.51 -22.63 15.73
C VAL A 12 0.66 -21.74 16.95
N ILE A 13 1.39 -22.24 17.95
CA ILE A 13 1.57 -21.59 19.26
C ILE A 13 3.06 -21.39 19.47
N LEU A 14 3.54 -20.15 19.43
CA LEU A 14 4.97 -19.79 19.55
C LEU A 14 5.24 -19.44 21.01
N CYS A 15 6.52 -19.46 21.41
CA CYS A 15 7.02 -18.81 22.64
C CYS A 15 8.22 -17.94 22.29
N LYS A 16 8.19 -16.65 22.61
CA LYS A 16 9.39 -15.78 22.55
C LYS A 16 10.52 -16.55 23.21
N ASP A 17 11.75 -16.53 22.68
CA ASP A 17 12.94 -17.17 23.31
C ASP A 17 13.48 -16.23 24.41
N GLN A 18 14.69 -16.48 24.91
CA GLN A 18 15.17 -15.82 26.15
C GLN A 18 15.57 -14.36 25.89
N ASP A 19 15.88 -14.03 24.63
CA ASP A 19 16.15 -12.64 24.19
C ASP A 19 14.85 -11.96 23.71
N GLY A 20 13.68 -12.62 23.86
CA GLY A 20 12.40 -12.01 23.46
C GLY A 20 12.17 -12.03 21.95
N LYS A 21 12.77 -13.01 21.28
CA LYS A 21 12.70 -13.18 19.79
C LYS A 21 11.78 -14.33 19.40
N ILE A 22 11.17 -14.27 18.22
CA ILE A 22 10.52 -15.47 17.61
C ILE A 22 11.19 -15.87 16.30
N GLY A 23 12.01 -14.98 15.71
CA GLY A 23 12.87 -15.24 14.54
C GLY A 23 12.10 -15.12 13.24
N LEU A 24 11.26 -14.09 13.11
CA LEU A 24 10.31 -13.93 12.00
C LEU A 24 10.47 -12.51 11.43
N ARG A 25 10.48 -12.34 10.11
CA ARG A 25 10.16 -11.05 9.44
C ARG A 25 8.94 -11.27 8.52
N LEU A 26 7.91 -10.44 8.69
CA LEU A 26 6.62 -10.51 7.97
C LEU A 26 6.62 -9.40 6.94
N LYS A 27 5.79 -9.53 5.91
CA LYS A 27 5.73 -8.57 4.76
C LYS A 27 4.30 -8.51 4.20
N SER A 28 3.87 -7.29 3.87
CA SER A 28 2.52 -7.03 3.34
C SER A 28 2.55 -7.29 1.84
N ILE A 29 1.65 -8.14 1.37
CA ILE A 29 1.44 -8.50 -0.06
C ILE A 29 -0.07 -8.57 -0.26
N ASP A 30 -0.60 -7.80 -1.19
CA ASP A 30 -2.00 -7.92 -1.69
C ASP A 30 -2.97 -7.94 -0.48
N ASN A 31 -2.72 -7.16 0.58
CA ASN A 31 -3.57 -6.97 1.78
C ASN A 31 -3.58 -8.20 2.71
N GLY A 32 -2.50 -8.99 2.65
CA GLY A 32 -2.25 -10.13 3.53
C GLY A 32 -0.89 -9.92 4.16
N ILE A 33 -0.58 -10.75 5.12
CA ILE A 33 0.78 -10.78 5.67
C ILE A 33 1.38 -12.16 5.39
N PHE A 34 2.62 -12.13 4.95
CA PHE A 34 3.38 -13.35 4.59
C PHE A 34 4.75 -13.32 5.25
N VAL A 35 5.22 -14.53 5.59
CA VAL A 35 6.59 -14.79 6.13
C VAL A 35 7.59 -14.46 5.00
N GLN A 36 8.43 -13.45 5.23
CA GLN A 36 9.54 -13.03 4.34
C GLN A 36 10.84 -13.71 4.82
N LEU A 37 10.94 -14.05 6.11
CA LEU A 37 12.19 -14.61 6.72
C LEU A 37 11.88 -15.42 7.95
N VAL A 38 12.49 -16.60 8.07
CA VAL A 38 12.50 -17.45 9.30
C VAL A 38 13.97 -17.63 9.67
N GLN A 39 14.32 -17.33 10.91
CA GLN A 39 15.70 -17.45 11.44
C GLN A 39 15.87 -18.91 11.85
N ALA A 40 17.02 -19.55 11.57
CA ALA A 40 17.34 -20.92 12.04
C ALA A 40 17.22 -20.97 13.56
N ASN A 41 16.77 -22.10 14.13
CA ASN A 41 16.78 -22.35 15.59
C ASN A 41 15.83 -21.41 16.32
N SER A 42 14.94 -20.76 15.57
CA SER A 42 13.99 -19.77 16.10
C SER A 42 12.76 -20.52 16.61
N PRO A 43 11.98 -19.92 17.54
CA PRO A 43 10.65 -20.45 17.85
C PRO A 43 9.83 -20.59 16.57
N ALA A 44 10.02 -19.69 15.61
CA ALA A 44 9.33 -19.75 14.31
C ALA A 44 9.67 -21.06 13.58
N SER A 45 10.96 -21.44 13.56
CA SER A 45 11.45 -22.67 12.88
C SER A 45 10.92 -23.89 13.66
N LEU A 46 11.15 -23.94 14.96
CA LEU A 46 10.73 -25.11 15.77
C LEU A 46 9.27 -25.49 15.46
N VAL A 47 8.32 -24.53 15.42
CA VAL A 47 6.87 -24.83 15.15
C VAL A 47 6.64 -24.99 13.64
N GLY A 48 7.65 -24.86 12.80
CA GLY A 48 7.47 -25.26 11.39
C GLY A 48 6.94 -24.14 10.51
N LEU A 49 7.21 -22.88 10.83
CA LEU A 49 6.81 -21.75 9.92
C LEU A 49 7.82 -21.70 8.78
N ARG A 50 7.32 -21.47 7.56
CA ARG A 50 8.11 -21.55 6.33
C ARG A 50 7.97 -20.19 5.61
N PHE A 51 9.05 -19.79 4.94
CA PHE A 51 8.99 -18.74 3.90
C PHE A 51 7.71 -18.92 3.06
N GLY A 52 6.97 -17.83 2.82
CA GLY A 52 5.77 -17.80 1.97
C GLY A 52 4.52 -18.20 2.72
N ASP A 53 4.65 -18.60 3.99
CA ASP A 53 3.43 -18.86 4.83
C ASP A 53 2.59 -17.56 4.89
N GLN A 54 1.26 -17.67 4.84
CA GLN A 54 0.32 -16.56 5.09
C GLN A 54 -0.12 -16.57 6.55
N VAL A 55 0.08 -15.45 7.27
CA VAL A 55 -0.41 -15.22 8.66
C VAL A 55 -1.77 -14.54 8.60
N LEU A 56 -2.83 -15.33 8.76
CA LEU A 56 -4.24 -14.88 8.72
C LEU A 56 -4.55 -14.11 10.01
N GLN A 57 -4.01 -14.57 11.13
CA GLN A 57 -4.22 -13.99 12.47
C GLN A 57 -3.00 -14.14 13.34
N ILE A 58 -2.86 -13.17 14.25
CA ILE A 58 -1.96 -13.19 15.43
C ILE A 58 -2.83 -12.95 16.69
N ASN A 59 -2.78 -13.85 17.67
CA ASN A 59 -3.59 -13.80 18.92
C ASN A 59 -5.06 -13.51 18.60
N GLY A 60 -5.58 -14.06 17.50
CA GLY A 60 -7.00 -13.91 17.13
C GLY A 60 -7.29 -12.61 16.42
N GLU A 61 -6.35 -11.67 16.26
CA GLU A 61 -6.60 -10.46 15.41
C GLU A 61 -6.34 -10.83 13.95
N ASN A 62 -7.26 -10.53 13.06
CA ASN A 62 -7.07 -10.64 11.59
C ASN A 62 -5.89 -9.76 11.18
N CYS A 63 -5.03 -10.23 10.27
CA CYS A 63 -3.88 -9.45 9.79
C CYS A 63 -4.32 -8.67 8.56
N ALA A 64 -5.51 -8.94 8.02
CA ALA A 64 -5.97 -8.29 6.76
C ALA A 64 -5.59 -6.81 6.75
N GLY A 65 -4.94 -6.34 5.68
CA GLY A 65 -4.63 -4.92 5.47
C GLY A 65 -3.50 -4.39 6.34
N TRP A 66 -2.96 -5.12 7.31
CA TRP A 66 -1.83 -4.58 8.11
C TRP A 66 -0.63 -4.26 7.23
N SER A 67 0.06 -3.18 7.57
CA SER A 67 1.41 -2.85 7.06
C SER A 67 2.35 -3.89 7.68
N SER A 68 3.54 -4.07 7.08
CA SER A 68 4.63 -4.90 7.64
C SER A 68 5.04 -4.36 9.01
N ASP A 69 5.12 -3.02 9.12
CA ASP A 69 5.54 -2.34 10.38
C ASP A 69 4.55 -2.67 11.51
N LYS A 70 3.25 -2.59 11.24
CA LYS A 70 2.23 -2.92 12.25
C LYS A 70 2.26 -4.39 12.61
N ALA A 71 2.40 -5.31 11.66
CA ALA A 71 2.60 -6.74 11.98
C ALA A 71 3.80 -6.89 12.93
N HIS A 72 4.98 -6.33 12.63
CA HIS A 72 6.17 -6.39 13.53
C HIS A 72 5.89 -5.76 14.91
N LYS A 73 5.21 -4.60 14.91
CA LYS A 73 4.74 -3.90 16.14
C LYS A 73 3.89 -4.86 16.96
N VAL A 74 2.82 -5.40 16.36
CA VAL A 74 1.89 -6.31 17.09
C VAL A 74 2.73 -7.41 17.74
N LEU A 75 3.68 -7.98 17.01
CA LEU A 75 4.50 -9.12 17.52
C LEU A 75 5.36 -8.65 18.72
N LYS A 76 6.07 -7.53 18.55
CA LYS A 76 6.96 -6.93 19.57
C LYS A 76 6.17 -6.75 20.87
N GLN A 77 4.94 -6.21 20.77
CA GLN A 77 4.09 -5.88 21.94
C GLN A 77 3.27 -7.04 22.50
N ALA A 78 3.53 -8.30 22.12
CA ALA A 78 2.72 -9.49 22.50
C ALA A 78 3.29 -10.17 23.75
N PHE A 79 2.43 -10.46 24.74
CA PHE A 79 2.73 -11.25 25.97
C PHE A 79 3.47 -12.53 25.53
N GLY A 80 4.82 -12.50 25.54
CA GLY A 80 5.73 -13.49 24.92
C GLY A 80 5.49 -14.91 25.41
N GLU A 81 5.08 -15.03 26.68
CA GLU A 81 4.48 -16.23 27.32
C GLU A 81 3.92 -17.20 26.24
N LYS A 82 3.09 -16.73 25.30
CA LYS A 82 2.37 -17.62 24.34
C LYS A 82 1.63 -16.84 23.25
N ILE A 83 2.15 -16.82 22.02
CA ILE A 83 1.51 -16.20 20.81
C ILE A 83 0.84 -17.31 19.99
N THR A 84 -0.44 -17.18 19.65
CA THR A 84 -1.10 -18.13 18.72
C THR A 84 -1.08 -17.47 17.34
N MET A 85 -1.19 -18.27 16.30
CA MET A 85 -1.15 -17.77 14.92
C MET A 85 -1.95 -18.73 14.05
N THR A 86 -2.79 -18.20 13.19
CA THR A 86 -3.51 -18.96 12.15
C THR A 86 -2.72 -18.75 10.85
N ILE A 87 -2.33 -19.86 10.21
CA ILE A 87 -1.37 -19.95 9.07
C ILE A 87 -2.02 -20.71 7.93
N ARG A 88 -1.92 -20.15 6.71
CA ARG A 88 -2.21 -20.83 5.43
C ARG A 88 -0.85 -21.18 4.81
N ASP A 89 -0.67 -22.41 4.36
CA ASP A 89 0.65 -22.99 3.95
C ASP A 89 1.05 -22.43 2.60
N ARG A 90 2.12 -21.67 2.55
CA ARG A 90 2.75 -21.17 1.31
C ARG A 90 1.76 -21.12 0.16
N PRO A 91 0.74 -20.24 0.25
CA PRO A 91 -0.33 -20.24 -0.73
C PRO A 91 0.19 -19.87 -2.12
N PHE A 92 1.30 -19.16 -2.22
CA PHE A 92 1.81 -18.71 -3.53
C PHE A 92 2.67 -19.82 -4.18
N GLU A 93 3.02 -20.87 -3.44
CA GLU A 93 4.01 -21.86 -3.92
C GLU A 93 3.32 -23.11 -4.49
N ARG A 94 4.03 -23.83 -5.34
CA ARG A 94 3.63 -25.20 -5.78
C ARG A 94 4.85 -26.12 -5.71
N THR A 95 4.54 -27.41 -5.61
CA THR A 95 5.50 -28.52 -5.45
C THR A 95 5.49 -29.33 -6.73
N ILE A 96 6.67 -29.57 -7.28
CA ILE A 96 6.86 -30.41 -8.51
C ILE A 96 7.81 -31.53 -8.18
N THR A 97 7.45 -32.75 -8.58
CA THR A 97 8.25 -33.99 -8.43
C THR A 97 8.82 -34.39 -9.80
N MET A 98 10.15 -34.52 -9.83
CA MET A 98 10.96 -34.93 -11.01
C MET A 98 11.90 -36.09 -10.64
N HIS A 99 12.39 -36.82 -11.65
CA HIS A 99 13.31 -37.99 -11.53
C HIS A 99 14.55 -37.68 -12.37
N LYS A 100 15.75 -37.87 -11.82
CA LYS A 100 17.03 -37.65 -12.56
C LYS A 100 17.08 -38.64 -13.73
N ASP A 101 17.59 -38.20 -14.89
CA ASP A 101 18.00 -39.05 -16.03
C ASP A 101 19.22 -39.85 -15.56
N SER A 102 19.67 -40.83 -16.36
CA SER A 102 20.86 -41.68 -16.05
C SER A 102 22.12 -40.80 -15.93
N THR A 103 22.10 -39.63 -16.57
CA THR A 103 23.18 -38.60 -16.53
C THR A 103 23.07 -37.75 -15.25
N GLY A 104 22.01 -37.94 -14.45
CA GLY A 104 21.82 -37.22 -13.17
C GLY A 104 21.31 -35.78 -13.32
N HIS A 105 20.44 -35.53 -14.32
CA HIS A 105 19.81 -34.20 -14.59
C HIS A 105 18.30 -34.29 -14.41
N VAL A 106 17.67 -33.32 -13.76
CA VAL A 106 16.19 -33.22 -13.77
C VAL A 106 15.72 -32.51 -15.04
N GLY A 107 16.43 -31.49 -15.46
CA GLY A 107 16.24 -30.98 -16.84
C GLY A 107 15.88 -29.52 -16.91
N PHE A 108 16.58 -28.67 -16.18
CA PHE A 108 16.33 -27.21 -16.28
C PHE A 108 17.63 -26.44 -16.08
N ILE A 109 17.62 -25.19 -16.52
CA ILE A 109 18.68 -24.18 -16.23
C ILE A 109 18.08 -23.13 -15.28
N PHE A 110 18.93 -22.52 -14.45
CA PHE A 110 18.57 -21.41 -13.54
C PHE A 110 19.78 -20.51 -13.24
N LYS A 111 19.44 -19.25 -12.88
CA LYS A 111 20.34 -18.12 -12.56
C LYS A 111 19.68 -17.33 -11.41
N ASN A 112 20.39 -17.07 -10.30
CA ASN A 112 19.83 -16.47 -9.04
C ASN A 112 18.59 -17.24 -8.58
N GLY A 113 18.63 -18.58 -8.70
CA GLY A 113 17.56 -19.48 -8.20
C GLY A 113 16.28 -19.37 -9.00
N LYS A 114 16.30 -18.63 -10.11
CA LYS A 114 15.11 -18.51 -10.98
C LYS A 114 15.27 -19.42 -12.21
N ILE A 115 14.31 -20.31 -12.46
CA ILE A 115 14.38 -21.28 -13.57
C ILE A 115 14.17 -20.49 -14.85
N THR A 116 15.10 -20.59 -15.82
CA THR A 116 15.07 -19.80 -17.08
C THR A 116 14.94 -20.68 -18.33
N SER A 117 15.24 -21.99 -18.29
CA SER A 117 14.86 -22.91 -19.42
C SER A 117 14.48 -24.29 -18.87
N ILE A 118 13.63 -24.98 -19.62
CA ILE A 118 13.28 -26.42 -19.46
C ILE A 118 13.91 -27.16 -20.64
N VAL A 119 14.76 -28.15 -20.37
CA VAL A 119 15.41 -29.03 -21.39
C VAL A 119 14.38 -29.95 -22.01
N LYS A 120 14.43 -30.13 -23.34
CA LYS A 120 13.52 -31.01 -24.09
C LYS A 120 13.58 -32.41 -23.52
N ASP A 121 12.43 -33.07 -23.48
CA ASP A 121 12.22 -34.48 -23.06
C ASP A 121 12.95 -34.72 -21.72
N SER A 122 13.07 -33.70 -20.89
CA SER A 122 13.56 -33.86 -19.50
C SER A 122 12.36 -34.21 -18.62
N SER A 123 12.62 -34.69 -17.42
CA SER A 123 11.63 -34.88 -16.32
C SER A 123 10.94 -33.55 -16.01
N ALA A 124 11.72 -32.47 -15.94
CA ALA A 124 11.24 -31.09 -15.83
C ALA A 124 10.16 -30.85 -16.90
N ALA A 125 10.37 -31.23 -18.15
CA ALA A 125 9.38 -31.05 -19.24
C ALA A 125 8.17 -31.95 -19.03
N ARG A 126 8.37 -33.19 -18.59
CA ARG A 126 7.27 -34.18 -18.44
C ARG A 126 6.33 -33.72 -17.32
N ASN A 127 6.86 -33.17 -16.21
CA ASN A 127 6.06 -32.74 -15.02
C ASN A 127 5.67 -31.24 -15.08
N GLY A 128 5.91 -30.56 -16.18
CA GLY A 128 5.32 -29.25 -16.46
C GLY A 128 5.95 -28.15 -15.62
N LEU A 129 7.25 -28.27 -15.33
CA LEU A 129 8.03 -27.22 -14.62
C LEU A 129 8.01 -25.94 -15.45
N LEU A 130 8.04 -24.78 -14.80
CA LEU A 130 7.89 -23.51 -15.56
C LEU A 130 9.13 -22.65 -15.38
N THR A 131 9.36 -21.77 -16.34
CA THR A 131 10.34 -20.65 -16.23
C THR A 131 9.75 -19.48 -15.43
N GLU A 132 10.58 -18.46 -15.16
CA GLU A 132 10.15 -17.24 -14.44
C GLU A 132 9.54 -17.71 -13.11
N HIS A 133 10.09 -18.77 -12.50
CA HIS A 133 9.74 -19.21 -11.12
C HIS A 133 11.02 -19.40 -10.29
N ASN A 134 11.02 -18.90 -9.06
CA ASN A 134 12.15 -19.03 -8.13
C ASN A 134 12.00 -20.33 -7.40
N ILE A 135 13.14 -20.94 -7.13
CA ILE A 135 13.22 -22.17 -6.30
C ILE A 135 13.21 -21.73 -4.86
N CYS A 136 12.27 -22.19 -4.05
CA CYS A 136 12.18 -21.82 -2.61
C CYS A 136 12.75 -22.94 -1.73
N GLU A 137 12.37 -24.17 -2.07
CA GLU A 137 12.75 -25.38 -1.30
C GLU A 137 13.11 -26.51 -2.28
N ILE A 138 14.08 -27.34 -1.89
CA ILE A 138 14.37 -28.67 -2.50
C ILE A 138 14.26 -29.74 -1.42
N ASN A 139 13.31 -30.67 -1.59
CA ASN A 139 13.01 -31.81 -0.67
C ASN A 139 12.75 -31.28 0.73
N GLY A 140 12.07 -30.13 0.85
CA GLY A 140 11.59 -29.54 2.10
C GLY A 140 12.59 -28.60 2.71
N GLN A 141 13.76 -28.45 2.09
CA GLN A 141 14.81 -27.56 2.63
C GLN A 141 14.76 -26.28 1.84
N ASN A 142 14.58 -25.17 2.55
CA ASN A 142 14.62 -23.79 2.00
C ASN A 142 16.03 -23.53 1.46
N VAL A 143 16.18 -23.00 0.23
CA VAL A 143 17.50 -22.77 -0.44
C VAL A 143 17.62 -21.30 -0.85
N ILE A 144 16.79 -20.44 -0.28
CA ILE A 144 16.70 -19.03 -0.74
C ILE A 144 17.91 -18.30 -0.19
N GLY A 145 18.68 -17.66 -1.07
CA GLY A 145 19.90 -16.94 -0.67
C GLY A 145 21.16 -17.75 -0.93
N LEU A 146 21.09 -19.08 -0.87
CA LEU A 146 22.22 -19.96 -1.30
C LEU A 146 22.69 -19.52 -2.69
N LYS A 147 23.99 -19.69 -2.97
CA LYS A 147 24.59 -19.45 -4.31
C LYS A 147 23.95 -20.43 -5.30
N ASP A 148 23.94 -20.08 -6.59
CA ASP A 148 23.46 -21.00 -7.67
C ASP A 148 24.25 -22.31 -7.57
N SER A 149 25.57 -22.19 -7.50
CA SER A 149 26.51 -23.33 -7.37
C SER A 149 26.06 -24.22 -6.20
N GLN A 150 25.70 -23.63 -5.06
CA GLN A 150 25.28 -24.37 -3.84
C GLN A 150 23.91 -25.02 -4.05
N ILE A 151 23.01 -24.35 -4.76
CA ILE A 151 21.68 -24.97 -5.11
C ILE A 151 21.97 -26.15 -6.06
N ALA A 152 22.83 -25.91 -7.07
CA ALA A 152 23.28 -26.95 -8.03
C ALA A 152 23.78 -28.17 -7.25
N ASP A 153 24.59 -27.91 -6.23
CA ASP A 153 25.21 -28.95 -5.38
C ASP A 153 24.15 -29.72 -4.58
N ILE A 154 23.05 -29.08 -4.14
CA ILE A 154 21.98 -29.75 -3.33
C ILE A 154 21.18 -30.69 -4.24
N LEU A 155 20.99 -30.30 -5.49
CA LEU A 155 20.27 -31.16 -6.45
C LEU A 155 21.13 -32.41 -6.71
N SER A 156 22.45 -32.28 -6.76
CA SER A 156 23.37 -33.45 -6.80
C SER A 156 23.14 -34.36 -5.59
N THR A 157 23.14 -33.80 -4.38
CA THR A 157 23.23 -34.56 -3.10
C THR A 157 21.82 -35.03 -2.65
N SER A 158 20.77 -34.66 -3.37
CA SER A 158 19.43 -35.33 -3.32
C SER A 158 19.49 -36.64 -4.13
N GLY A 159 18.53 -37.54 -3.94
CA GLY A 159 18.53 -38.88 -4.56
C GLY A 159 18.14 -38.85 -6.02
N THR A 160 17.40 -39.85 -6.51
CA THR A 160 16.93 -39.90 -7.92
C THR A 160 15.58 -39.18 -8.02
N VAL A 161 14.87 -39.02 -6.89
CA VAL A 161 13.54 -38.32 -6.82
C VAL A 161 13.74 -36.94 -6.17
N VAL A 162 13.45 -35.88 -6.91
CA VAL A 162 13.63 -34.46 -6.47
C VAL A 162 12.26 -33.75 -6.49
N THR A 163 11.75 -33.39 -5.32
CA THR A 163 10.60 -32.47 -5.13
C THR A 163 11.12 -31.03 -5.00
N ILE A 164 10.76 -30.14 -5.91
CA ILE A 164 11.02 -28.68 -5.83
C ILE A 164 9.72 -27.92 -5.55
N THR A 165 9.78 -27.04 -4.53
CA THR A 165 8.78 -25.98 -4.25
C THR A 165 9.15 -24.70 -5.02
N ILE A 166 8.24 -24.19 -5.83
CA ILE A 166 8.50 -23.00 -6.70
C ILE A 166 7.46 -21.90 -6.45
N MET A 167 7.82 -20.68 -6.86
CA MET A 167 6.97 -19.46 -6.73
C MET A 167 7.15 -18.61 -7.96
N PRO A 168 6.07 -18.08 -8.57
CA PRO A 168 6.21 -17.13 -9.67
C PRO A 168 7.19 -16.01 -9.30
N ALA A 169 8.04 -15.61 -10.23
CA ALA A 169 9.17 -14.72 -9.94
C ALA A 169 8.68 -13.35 -9.43
N PHE A 170 7.64 -12.79 -10.05
N PHE A 170 7.61 -12.84 -10.03
CA PHE A 170 7.11 -11.46 -9.66
CA PHE A 170 7.04 -11.50 -9.72
C PHE A 170 6.70 -11.49 -8.19
C PHE A 170 6.56 -11.46 -8.28
N ILE A 171 6.05 -12.59 -7.76
CA ILE A 171 5.57 -12.71 -6.36
C ILE A 171 6.77 -12.82 -5.45
N PHE A 172 7.77 -13.61 -5.83
CA PHE A 172 9.03 -13.77 -5.04
C PHE A 172 9.73 -12.41 -4.91
N GLU A 173 9.92 -11.68 -6.02
CA GLU A 173 10.65 -10.38 -6.02
C GLU A 173 9.90 -9.42 -5.09
N HIS A 174 8.56 -9.48 -5.03
CA HIS A 174 7.78 -8.54 -4.18
C HIS A 174 7.99 -8.89 -2.70
N ILE A 175 8.05 -10.18 -2.35
CA ILE A 175 8.24 -10.65 -0.94
C ILE A 175 9.62 -10.26 -0.41
N ILE A 176 10.68 -10.41 -1.21
CA ILE A 176 12.08 -10.26 -0.70
C ILE A 176 12.58 -8.81 -0.82
N LYS A 177 11.86 -7.89 -1.51
CA LYS A 177 12.20 -6.43 -1.60
C LYS A 177 12.53 -5.88 -0.21
N ARG A 178 13.69 -5.23 -0.10
CA ARG A 178 14.15 -4.47 1.10
C ARG A 178 14.71 -5.43 2.17
N MET A 179 15.33 -6.53 1.73
CA MET A 179 16.16 -7.48 2.55
C MET A 179 17.46 -7.81 1.79
N ALA A 180 18.62 -7.41 2.35
CA ALA A 180 19.96 -7.54 1.74
C ALA A 180 20.26 -8.99 1.37
N PRO A 181 21.01 -9.29 0.26
CA PRO A 181 21.27 -10.69 -0.15
C PRO A 181 22.07 -11.47 0.91
N SER A 182 22.74 -10.75 1.82
CA SER A 182 23.53 -11.31 2.94
C SER A 182 22.60 -11.95 3.97
N ILE A 183 21.44 -11.34 4.25
CA ILE A 183 20.52 -11.85 5.32
C ILE A 183 19.94 -13.18 4.82
N MET A 184 19.56 -13.25 3.54
CA MET A 184 18.89 -14.44 2.95
C MET A 184 19.87 -15.60 2.96
N LYS A 185 21.09 -15.38 2.45
CA LYS A 185 22.16 -16.43 2.45
C LYS A 185 22.46 -16.81 3.93
N SER A 186 22.75 -15.85 4.82
CA SER A 186 23.33 -16.10 6.17
C SER A 186 22.27 -16.46 7.21
N LEU A 187 21.10 -15.80 7.24
CA LEU A 187 20.13 -15.90 8.38
C LEU A 187 18.83 -16.64 8.05
N MET A 188 18.41 -16.74 6.79
CA MET A 188 17.28 -17.60 6.38
C MET A 188 17.57 -19.05 6.79
N ASP A 189 16.65 -19.63 7.56
CA ASP A 189 16.67 -21.05 7.99
C ASP A 189 16.88 -21.94 6.76
N HIS A 190 18.01 -22.65 6.67
CA HIS A 190 18.31 -23.59 5.55
C HIS A 190 18.41 -25.02 6.04
N THR A 191 17.79 -25.35 7.17
CA THR A 191 18.02 -26.67 7.81
C THR A 191 17.16 -27.69 7.09
N ILE A 192 17.60 -28.95 7.13
CA ILE A 192 16.77 -30.12 6.75
C ILE A 192 15.72 -30.25 7.85
N PRO A 193 14.43 -30.40 7.47
CA PRO A 193 13.37 -30.54 8.46
C PRO A 193 13.82 -31.52 9.54
N GLU A 194 13.24 -31.40 10.74
CA GLU A 194 13.55 -32.24 11.92
C GLU A 194 12.31 -33.08 12.25
N VAL A 195 12.52 -34.35 12.62
CA VAL A 195 11.44 -35.29 13.07
C VAL A 195 11.66 -35.56 14.57
N ALA B 3 18.48 16.15 27.84
CA ALA B 3 19.56 17.18 27.75
C ALA B 3 20.78 16.75 28.60
N GLU B 4 20.60 16.50 29.91
CA GLU B 4 21.64 16.13 30.93
C GLU B 4 22.36 14.83 30.50
N ILE B 5 23.69 14.88 30.39
CA ILE B 5 24.52 13.75 29.84
C ILE B 5 24.62 12.63 30.92
N LYS B 6 24.10 11.42 30.63
CA LYS B 6 24.13 10.28 31.59
C LYS B 6 25.48 9.57 31.52
N GLN B 7 26.21 9.59 32.64
CA GLN B 7 27.50 8.87 32.85
C GLN B 7 27.20 7.37 32.77
N GLY B 8 28.19 6.60 32.32
CA GLY B 8 28.03 5.15 32.10
C GLY B 8 27.35 4.84 30.79
N ILE B 9 26.82 3.62 30.73
CA ILE B 9 26.57 2.80 29.51
C ILE B 9 25.17 2.20 29.63
N ARG B 10 24.38 2.22 28.57
CA ARG B 10 22.98 1.72 28.59
C ARG B 10 22.76 0.91 27.31
N GLU B 11 21.82 -0.04 27.39
CA GLU B 11 21.43 -0.90 26.26
C GLU B 11 20.14 -0.35 25.66
N VAL B 12 20.05 -0.32 24.33
CA VAL B 12 18.79 0.01 23.59
C VAL B 12 18.50 -1.15 22.63
N ILE B 13 17.22 -1.37 22.32
CA ILE B 13 16.78 -2.50 21.46
C ILE B 13 16.01 -1.92 20.28
N LEU B 14 16.49 -2.09 19.05
CA LEU B 14 15.85 -1.54 17.84
C LEU B 14 15.28 -2.67 17.00
N CYS B 15 14.28 -2.35 16.20
CA CYS B 15 13.65 -3.19 15.18
C CYS B 15 13.81 -2.42 13.86
N LYS B 16 14.45 -3.02 12.85
CA LYS B 16 14.44 -2.49 11.46
C LYS B 16 13.00 -2.19 11.07
N ASP B 17 12.81 -1.10 10.34
CA ASP B 17 11.50 -0.73 9.77
C ASP B 17 11.31 -1.58 8.51
N GLN B 18 10.21 -1.37 7.82
CA GLN B 18 9.80 -2.23 6.71
C GLN B 18 10.66 -1.91 5.49
N ASP B 19 11.55 -0.93 5.55
CA ASP B 19 12.50 -0.68 4.43
C ASP B 19 13.87 -1.22 4.80
N GLY B 20 13.99 -2.01 5.87
CA GLY B 20 15.27 -2.60 6.29
C GLY B 20 16.09 -1.65 7.16
N LYS B 21 15.59 -0.46 7.54
CA LYS B 21 16.46 0.61 8.12
C LYS B 21 16.15 0.94 9.59
N ILE B 22 17.15 1.57 10.19
CA ILE B 22 17.20 1.99 11.62
C ILE B 22 17.15 3.52 11.71
N GLY B 23 17.67 4.22 10.68
CA GLY B 23 17.73 5.69 10.55
C GLY B 23 18.98 6.26 11.20
N LEU B 24 20.12 5.58 11.05
CA LEU B 24 21.45 5.93 11.63
C LEU B 24 22.48 6.17 10.54
N ARG B 25 23.47 7.00 10.82
CA ARG B 25 24.80 6.89 10.21
C ARG B 25 25.81 6.87 11.33
N LEU B 26 26.85 6.07 11.17
CA LEU B 26 27.94 5.83 12.14
C LEU B 26 29.24 6.26 11.52
N LYS B 27 30.15 6.79 12.35
CA LYS B 27 31.46 7.28 11.87
C LYS B 27 32.48 6.81 12.88
N SER B 28 33.58 6.30 12.36
CA SER B 28 34.78 5.94 13.16
C SER B 28 35.51 7.23 13.61
N ILE B 29 35.76 7.31 14.90
CA ILE B 29 36.50 8.43 15.55
C ILE B 29 37.40 7.77 16.61
N ASP B 30 38.71 7.98 16.54
CA ASP B 30 39.67 7.59 17.59
C ASP B 30 39.43 6.11 17.96
N ASN B 31 39.14 5.25 16.96
CA ASN B 31 38.96 3.78 17.10
C ASN B 31 37.70 3.38 17.87
N GLY B 32 36.69 4.27 17.87
CA GLY B 32 35.36 4.04 18.43
C GLY B 32 34.40 4.30 17.31
N ILE B 33 33.13 4.05 17.55
CA ILE B 33 32.03 4.30 16.58
C ILE B 33 31.03 5.29 17.21
N PHE B 34 30.65 6.31 16.45
CA PHE B 34 29.83 7.45 16.90
C PHE B 34 28.75 7.73 15.89
N VAL B 35 27.57 8.05 16.41
CA VAL B 35 26.39 8.45 15.60
C VAL B 35 26.67 9.81 14.95
N GLN B 36 26.75 9.88 13.63
CA GLN B 36 26.89 11.17 12.87
C GLN B 36 25.53 11.65 12.38
N LEU B 37 24.47 10.82 12.41
CA LEU B 37 23.14 11.24 11.93
C LEU B 37 22.07 10.38 12.59
N VAL B 38 21.01 11.02 13.09
CA VAL B 38 19.75 10.30 13.47
C VAL B 38 18.64 10.90 12.62
N GLN B 39 17.82 10.09 11.98
CA GLN B 39 16.63 10.56 11.18
C GLN B 39 15.43 10.70 12.12
N ALA B 40 14.59 11.68 11.87
CA ALA B 40 13.32 11.80 12.62
C ALA B 40 12.44 10.61 12.19
N ASN B 41 11.61 10.11 13.12
CA ASN B 41 10.56 9.09 12.85
C ASN B 41 11.19 7.74 12.50
N SER B 42 12.37 7.44 13.06
CA SER B 42 13.16 6.24 12.74
C SER B 42 13.18 5.36 13.99
N PRO B 43 13.43 4.04 13.86
CA PRO B 43 13.67 3.20 15.04
C PRO B 43 14.69 3.86 15.99
N ALA B 44 15.69 4.52 15.41
CA ALA B 44 16.83 5.10 16.14
C ALA B 44 16.36 6.29 17.01
N SER B 45 15.61 7.23 16.43
CA SER B 45 15.02 8.39 17.17
C SER B 45 14.10 7.86 18.27
N LEU B 46 13.16 7.02 17.92
CA LEU B 46 12.15 6.50 18.88
C LEU B 46 12.81 5.89 20.13
N VAL B 47 13.90 5.15 20.01
CA VAL B 47 14.55 4.53 21.21
C VAL B 47 15.45 5.57 21.87
N GLY B 48 15.63 6.76 21.28
CA GLY B 48 16.37 7.87 21.90
C GLY B 48 17.86 7.84 21.63
N LEU B 49 18.28 7.45 20.43
CA LEU B 49 19.71 7.60 20.06
C LEU B 49 19.88 9.04 19.58
N ARG B 50 21.05 9.59 19.86
CA ARG B 50 21.37 11.00 19.60
C ARG B 50 22.70 11.09 18.84
N PHE B 51 22.78 12.09 18.00
CA PHE B 51 24.07 12.60 17.46
C PHE B 51 25.12 12.61 18.56
N GLY B 52 26.29 12.04 18.23
CA GLY B 52 27.47 12.05 19.10
C GLY B 52 27.42 10.94 20.13
N ASP B 53 26.34 10.16 20.15
CA ASP B 53 26.30 8.89 20.92
C ASP B 53 27.50 8.00 20.49
N GLN B 54 28.09 7.26 21.42
CA GLN B 54 29.13 6.25 21.13
C GLN B 54 28.48 4.84 21.13
N VAL B 55 28.62 4.07 20.03
CA VAL B 55 28.20 2.63 20.02
C VAL B 55 29.38 1.77 20.47
N LEU B 56 29.32 1.15 21.65
CA LEU B 56 30.41 0.25 22.15
C LEU B 56 30.23 -1.16 21.57
N GLN B 57 29.00 -1.60 21.35
CA GLN B 57 28.69 -2.91 20.73
C GLN B 57 27.39 -2.89 19.97
N ILE B 58 27.31 -3.73 18.93
CA ILE B 58 26.06 -4.08 18.19
C ILE B 58 25.85 -5.60 18.35
N ASN B 59 24.71 -6.01 18.88
CA ASN B 59 24.41 -7.45 19.10
C ASN B 59 25.58 -8.12 19.86
N GLY B 60 26.11 -7.50 20.92
CA GLY B 60 27.12 -8.15 21.81
C GLY B 60 28.52 -8.18 21.23
N GLU B 61 28.72 -7.65 20.01
CA GLU B 61 30.02 -7.50 19.32
C GLU B 61 30.62 -6.09 19.52
N ASN B 62 31.89 -6.02 19.90
CA ASN B 62 32.58 -4.75 20.21
C ASN B 62 32.83 -3.95 18.92
N CYS B 63 32.48 -2.67 18.93
CA CYS B 63 32.67 -1.79 17.77
C CYS B 63 34.11 -1.28 17.72
N ALA B 64 34.92 -1.53 18.73
CA ALA B 64 36.32 -1.05 18.79
C ALA B 64 37.02 -1.31 17.46
N GLY B 65 37.56 -0.25 16.83
CA GLY B 65 38.46 -0.30 15.67
C GLY B 65 37.72 -0.51 14.35
N TRP B 66 36.42 -0.73 14.37
CA TRP B 66 35.70 -0.81 13.08
C TRP B 66 35.87 0.47 12.26
N SER B 67 35.92 0.33 10.94
CA SER B 67 35.74 1.46 10.01
C SER B 67 34.25 1.80 10.00
N SER B 68 33.93 3.01 9.52
CA SER B 68 32.58 3.48 9.16
C SER B 68 31.92 2.42 8.29
N ASP B 69 32.72 1.86 7.37
CA ASP B 69 32.20 0.86 6.40
C ASP B 69 31.79 -0.40 7.15
N LYS B 70 32.67 -0.95 7.98
CA LYS B 70 32.36 -2.21 8.69
C LYS B 70 31.08 -2.02 9.52
N ALA B 71 31.01 -0.95 10.31
CA ALA B 71 29.82 -0.55 11.10
C ALA B 71 28.55 -0.61 10.23
N HIS B 72 28.51 0.12 9.12
CA HIS B 72 27.32 0.09 8.23
C HIS B 72 27.08 -1.31 7.64
N LYS B 73 28.17 -2.03 7.33
CA LYS B 73 28.08 -3.38 6.75
C LYS B 73 27.39 -4.25 7.80
N VAL B 74 27.88 -4.20 9.05
CA VAL B 74 27.32 -5.00 10.17
C VAL B 74 25.83 -4.70 10.32
N LEU B 75 25.41 -3.42 10.20
CA LEU B 75 23.98 -3.01 10.38
C LEU B 75 23.15 -3.61 9.25
N LYS B 76 23.62 -3.44 8.01
CA LYS B 76 22.89 -3.87 6.79
C LYS B 76 22.64 -5.38 6.87
N GLN B 77 23.57 -6.15 7.44
CA GLN B 77 23.48 -7.65 7.51
C GLN B 77 22.71 -8.15 8.73
N ALA B 78 22.38 -7.27 9.68
CA ALA B 78 21.71 -7.65 10.95
C ALA B 78 20.26 -8.06 10.67
N PHE B 79 19.85 -9.25 11.13
CA PHE B 79 18.43 -9.65 11.19
C PHE B 79 17.65 -8.48 11.82
N GLY B 80 16.57 -8.03 11.18
CA GLY B 80 15.88 -6.79 11.61
C GLY B 80 15.09 -6.92 12.91
N GLU B 81 14.79 -8.13 13.39
CA GLU B 81 13.75 -8.33 14.45
C GLU B 81 14.19 -7.63 15.73
N LYS B 82 15.41 -7.89 16.18
CA LYS B 82 15.96 -7.30 17.42
C LYS B 82 17.47 -7.09 17.32
N ILE B 83 17.87 -5.83 17.37
CA ILE B 83 19.27 -5.35 17.34
C ILE B 83 19.56 -4.71 18.68
N THR B 84 20.49 -5.26 19.48
CA THR B 84 20.87 -4.68 20.78
C THR B 84 22.09 -3.80 20.49
N MET B 85 22.15 -2.61 21.11
CA MET B 85 23.32 -1.69 21.05
C MET B 85 23.60 -1.28 22.47
N THR B 86 24.87 -1.34 22.85
CA THR B 86 25.37 -0.73 24.07
C THR B 86 25.88 0.66 23.67
N ILE B 87 25.44 1.69 24.40
CA ILE B 87 25.67 3.14 24.13
C ILE B 87 26.35 3.79 25.34
N ARG B 88 27.30 4.68 25.07
CA ARG B 88 27.77 5.72 26.02
C ARG B 88 27.20 7.07 25.55
N ASP B 89 26.50 7.77 26.42
CA ASP B 89 25.71 8.97 26.03
C ASP B 89 26.66 10.12 25.69
N ARG B 90 26.57 10.65 24.47
CA ARG B 90 27.23 11.89 23.98
C ARG B 90 28.56 12.17 24.68
N PRO B 91 29.54 11.25 24.62
CA PRO B 91 30.73 11.36 25.43
C PRO B 91 31.58 12.60 25.13
N PHE B 92 31.48 13.14 23.94
CA PHE B 92 32.27 14.35 23.54
C PHE B 92 31.51 15.63 23.88
N GLU B 93 30.27 15.54 24.35
CA GLU B 93 29.48 16.75 24.62
C GLU B 93 29.44 17.06 26.10
N ARG B 94 29.21 18.35 26.39
CA ARG B 94 28.81 18.86 27.74
C ARG B 94 27.54 19.71 27.59
N THR B 95 26.70 19.76 28.62
CA THR B 95 25.51 20.65 28.65
C THR B 95 25.81 21.79 29.62
N ILE B 96 25.41 23.00 29.26
CA ILE B 96 25.63 24.24 30.06
C ILE B 96 24.24 24.88 30.25
N THR B 97 23.88 25.14 31.50
CA THR B 97 22.62 25.85 31.85
C THR B 97 22.91 27.34 32.06
N MET B 98 22.13 28.17 31.36
CA MET B 98 22.23 29.65 31.44
C MET B 98 20.82 30.22 31.67
N HIS B 99 20.77 31.43 32.24
CA HIS B 99 19.54 32.22 32.51
C HIS B 99 19.56 33.44 31.59
N LYS B 100 18.48 33.69 30.86
CA LYS B 100 18.33 34.93 30.06
C LYS B 100 18.31 36.16 30.97
N ASP B 101 18.82 37.27 30.45
CA ASP B 101 18.73 38.59 31.11
C ASP B 101 17.41 39.23 30.68
N SER B 102 17.17 40.46 31.14
CA SER B 102 15.93 41.24 30.91
C SER B 102 15.70 41.46 29.42
N THR B 103 16.75 41.56 28.59
CA THR B 103 16.63 41.66 27.10
C THR B 103 16.48 40.27 26.45
N GLY B 104 16.31 39.19 27.22
CA GLY B 104 16.20 37.81 26.68
C GLY B 104 17.50 37.23 26.11
N HIS B 105 18.69 37.67 26.56
CA HIS B 105 19.99 37.18 26.05
C HIS B 105 20.70 36.35 27.12
N VAL B 106 21.36 35.26 26.71
CA VAL B 106 22.21 34.43 27.62
C VAL B 106 23.65 34.90 27.56
N GLY B 107 24.14 35.38 26.39
CA GLY B 107 25.44 36.08 26.34
C GLY B 107 26.49 35.51 25.40
N PHE B 108 26.16 35.24 24.13
CA PHE B 108 27.21 34.78 23.19
C PHE B 108 26.87 35.18 21.75
N ILE B 109 27.92 35.25 20.95
CA ILE B 109 27.89 35.31 19.45
C ILE B 109 28.27 33.91 18.91
N PHE B 110 27.67 33.47 17.80
CA PHE B 110 27.97 32.19 17.09
C PHE B 110 27.82 32.46 15.59
N LYS B 111 28.55 31.72 14.74
CA LYS B 111 28.48 31.69 13.26
C LYS B 111 28.63 30.25 12.77
N ASN B 112 27.75 29.78 11.89
CA ASN B 112 27.65 28.36 11.47
C ASN B 112 27.56 27.44 12.69
N GLY B 113 26.69 27.74 13.64
CA GLY B 113 26.46 26.87 14.82
C GLY B 113 27.65 26.85 15.77
N LYS B 114 28.69 27.64 15.50
CA LYS B 114 29.94 27.63 16.30
C LYS B 114 30.03 28.85 17.21
N ILE B 115 30.28 28.64 18.49
CA ILE B 115 30.34 29.79 19.43
C ILE B 115 31.64 30.53 19.24
N THR B 116 31.56 31.80 18.85
CA THR B 116 32.78 32.58 18.54
C THR B 116 33.08 33.65 19.59
N SER B 117 32.16 34.04 20.47
CA SER B 117 32.55 34.98 21.56
C SER B 117 31.53 34.98 22.68
N ILE B 118 32.04 35.24 23.88
CA ILE B 118 31.32 35.27 25.17
C ILE B 118 31.17 36.73 25.57
N VAL B 119 29.93 37.19 25.74
CA VAL B 119 29.62 38.59 26.15
C VAL B 119 30.00 38.77 27.63
N LYS B 120 30.61 39.91 27.96
CA LYS B 120 31.07 40.20 29.35
C LYS B 120 29.84 40.31 30.27
N ASP B 121 29.98 39.81 31.50
CA ASP B 121 28.97 39.91 32.60
C ASP B 121 27.66 39.22 32.22
N SER B 122 27.70 38.19 31.36
CA SER B 122 26.51 37.46 30.90
C SER B 122 26.35 36.17 31.71
N SER B 123 25.22 35.50 31.57
CA SER B 123 25.00 34.13 32.12
C SER B 123 26.02 33.19 31.46
N ALA B 124 26.32 33.43 30.18
CA ALA B 124 27.32 32.66 29.42
C ALA B 124 28.66 32.80 30.12
N ALA B 125 29.05 34.03 30.49
CA ALA B 125 30.33 34.26 31.19
C ALA B 125 30.34 33.55 32.53
N ARG B 126 29.22 33.67 33.26
CA ARG B 126 29.15 33.16 34.68
C ARG B 126 29.25 31.63 34.67
N ASN B 127 28.66 30.98 33.66
CA ASN B 127 28.60 29.50 33.55
C ASN B 127 29.81 28.94 32.76
N GLY B 128 30.76 29.78 32.34
CA GLY B 128 31.99 29.38 31.63
C GLY B 128 31.73 28.65 30.34
N LEU B 129 30.75 29.11 29.55
CA LEU B 129 30.48 28.70 28.14
C LEU B 129 31.77 28.95 27.34
N LEU B 130 32.05 28.12 26.34
CA LEU B 130 33.39 28.18 25.68
C LEU B 130 33.17 28.55 24.22
N THR B 131 34.14 29.21 23.62
CA THR B 131 34.15 29.47 22.16
C THR B 131 34.74 28.24 21.45
N GLU B 132 34.66 28.20 20.12
CA GLU B 132 35.27 27.14 19.29
C GLU B 132 34.62 25.82 19.75
N HIS B 133 33.31 25.93 20.05
CA HIS B 133 32.39 24.82 20.40
C HIS B 133 31.14 24.96 19.52
N ASN B 134 30.82 23.88 18.82
CA ASN B 134 29.60 23.75 18.03
C ASN B 134 28.42 23.51 18.98
N ILE B 135 27.29 24.14 18.70
CA ILE B 135 26.01 23.90 19.44
C ILE B 135 25.39 22.61 18.86
N CYS B 136 25.11 21.62 19.70
CA CYS B 136 24.50 20.37 19.19
C CYS B 136 22.99 20.35 19.50
N GLU B 137 22.63 20.84 20.69
CA GLU B 137 21.23 20.79 21.17
C GLU B 137 20.92 22.11 21.91
N ILE B 138 19.67 22.55 21.85
CA ILE B 138 19.06 23.54 22.80
C ILE B 138 17.91 22.85 23.54
N ASN B 139 18.02 22.72 24.85
CA ASN B 139 16.93 22.15 25.68
C ASN B 139 16.62 20.73 25.18
N GLY B 140 17.63 19.97 24.78
CA GLY B 140 17.39 18.56 24.42
C GLY B 140 17.12 18.40 22.94
N GLN B 141 16.89 19.50 22.22
CA GLN B 141 16.55 19.42 20.79
C GLN B 141 17.81 19.55 19.94
N ASN B 142 18.03 18.61 19.02
CA ASN B 142 19.18 18.62 18.07
C ASN B 142 18.98 19.80 17.09
N VAL B 143 19.98 20.68 16.93
CA VAL B 143 19.86 21.84 15.99
C VAL B 143 20.96 21.82 14.92
N ILE B 144 21.59 20.67 14.70
CA ILE B 144 22.76 20.53 13.80
C ILE B 144 22.23 20.60 12.38
N GLY B 145 22.79 21.52 11.60
CA GLY B 145 22.39 21.75 10.20
C GLY B 145 21.29 22.79 10.05
N LEU B 146 20.69 23.31 11.13
CA LEU B 146 19.66 24.37 11.05
C LEU B 146 20.39 25.64 10.61
N LYS B 147 19.72 26.62 10.00
CA LYS B 147 20.38 27.93 9.72
C LYS B 147 20.71 28.62 11.06
N ASP B 148 21.60 29.60 11.07
CA ASP B 148 21.93 30.36 12.32
C ASP B 148 20.68 31.13 12.81
N SER B 149 19.88 31.70 11.90
CA SER B 149 18.65 32.40 12.31
C SER B 149 17.69 31.40 12.98
N GLN B 150 17.57 30.18 12.46
CA GLN B 150 16.73 29.11 13.08
C GLN B 150 17.26 28.79 14.49
N ILE B 151 18.57 28.72 14.68
CA ILE B 151 19.10 28.48 16.04
C ILE B 151 18.73 29.68 16.93
N ALA B 152 18.78 30.92 16.41
CA ALA B 152 18.50 32.13 17.22
C ALA B 152 17.01 32.11 17.63
N ASP B 153 16.16 31.68 16.72
CA ASP B 153 14.70 31.63 16.93
C ASP B 153 14.35 30.64 18.06
N ILE B 154 14.98 29.45 18.07
CA ILE B 154 14.76 28.41 19.11
C ILE B 154 15.19 28.94 20.49
N LEU B 155 16.34 29.56 20.55
CA LEU B 155 16.81 30.24 21.78
C LEU B 155 15.77 31.26 22.22
N SER B 156 15.23 32.06 21.30
CA SER B 156 14.29 33.15 21.67
C SER B 156 13.00 32.53 22.22
N THR B 157 12.57 31.35 21.78
CA THR B 157 11.31 30.71 22.25
C THR B 157 11.55 29.72 23.40
N SER B 158 12.79 29.57 23.86
CA SER B 158 13.08 28.85 25.11
C SER B 158 12.53 29.64 26.30
N GLY B 159 12.40 29.02 27.46
CA GLY B 159 12.08 29.77 28.68
C GLY B 159 13.24 30.66 29.10
N THR B 160 13.19 31.14 30.34
CA THR B 160 14.31 31.86 30.99
C THR B 160 15.52 30.91 31.02
N VAL B 161 15.29 29.67 31.46
CA VAL B 161 16.39 28.68 31.68
C VAL B 161 16.68 27.99 30.34
N VAL B 162 17.94 28.07 29.90
CA VAL B 162 18.38 27.57 28.56
C VAL B 162 19.54 26.59 28.79
N THR B 163 19.39 25.34 28.36
CA THR B 163 20.46 24.31 28.43
C THR B 163 20.98 24.15 27.01
N ILE B 164 22.27 24.34 26.85
CA ILE B 164 22.92 24.14 25.53
C ILE B 164 23.85 22.93 25.64
N THR B 165 23.81 22.04 24.64
CA THR B 165 24.76 20.92 24.55
C THR B 165 25.82 21.33 23.53
N ILE B 166 27.09 21.29 23.93
CA ILE B 166 28.21 21.79 23.07
C ILE B 166 29.25 20.69 22.82
N MET B 167 29.97 20.83 21.70
CA MET B 167 31.09 19.93 21.35
C MET B 167 32.25 20.76 20.82
N PRO B 168 33.49 20.46 21.23
CA PRO B 168 34.68 21.07 20.67
C PRO B 168 34.63 20.98 19.15
N ALA B 169 34.94 22.09 18.46
CA ALA B 169 34.69 22.23 17.00
C ALA B 169 35.44 21.17 16.21
N PHE B 170 36.67 20.87 16.62
N PHE B 170 36.70 20.90 16.57
CA PHE B 170 37.62 19.92 15.95
CA PHE B 170 37.59 19.92 15.89
C PHE B 170 37.00 18.52 15.93
C PHE B 170 36.89 18.54 15.87
N ILE B 171 36.36 18.12 17.04
CA ILE B 171 35.68 16.81 17.15
C ILE B 171 34.42 16.85 16.30
N PHE B 172 33.65 17.93 16.39
CA PHE B 172 32.42 18.08 15.57
C PHE B 172 32.77 18.12 14.06
N GLU B 173 33.85 18.77 13.68
CA GLU B 173 34.20 18.79 12.22
C GLU B 173 34.51 17.35 11.80
N HIS B 174 35.23 16.59 12.65
CA HIS B 174 35.67 15.22 12.36
C HIS B 174 34.45 14.29 12.25
N ILE B 175 33.44 14.42 13.13
CA ILE B 175 32.25 13.50 13.19
C ILE B 175 31.39 13.64 11.92
N ILE B 176 31.36 14.79 11.26
CA ILE B 176 30.43 15.04 10.12
C ILE B 176 31.16 14.79 8.79
N LYS B 177 32.46 14.45 8.80
CA LYS B 177 33.22 14.01 7.59
C LYS B 177 32.56 12.74 7.01
N ARG B 178 32.62 12.61 5.67
CA ARG B 178 32.09 11.47 4.88
C ARG B 178 30.55 11.46 5.02
N MET B 179 29.95 12.63 4.77
CA MET B 179 28.50 12.89 4.80
C MET B 179 28.33 14.17 3.99
N ALA B 180 27.47 14.14 2.96
CA ALA B 180 27.07 15.32 2.18
C ALA B 180 26.36 16.30 3.12
N PRO B 181 26.78 17.58 3.20
CA PRO B 181 26.08 18.59 3.99
C PRO B 181 24.58 18.67 3.75
N SER B 182 24.12 18.53 2.50
CA SER B 182 22.69 18.54 2.13
C SER B 182 21.94 17.33 2.70
N ILE B 183 22.64 16.20 2.89
CA ILE B 183 22.13 14.96 3.55
C ILE B 183 21.95 15.22 5.04
N MET B 184 23.00 15.71 5.70
CA MET B 184 22.96 16.11 7.14
C MET B 184 21.83 17.14 7.30
N LYS B 185 21.85 18.19 6.48
CA LYS B 185 20.85 19.28 6.53
C LYS B 185 19.43 18.69 6.43
N SER B 186 19.14 17.89 5.40
CA SER B 186 17.75 17.46 5.11
C SER B 186 17.30 16.31 6.04
N LEU B 187 18.21 15.49 6.61
CA LEU B 187 17.81 14.22 7.30
C LEU B 187 17.93 14.37 8.84
N MET B 188 18.78 15.25 9.37
CA MET B 188 19.01 15.31 10.84
C MET B 188 17.69 15.56 11.58
N ASP B 189 17.41 14.68 12.54
CA ASP B 189 16.30 14.71 13.52
C ASP B 189 16.32 16.04 14.29
N HIS B 190 15.21 16.76 14.32
CA HIS B 190 15.12 17.99 15.16
C HIS B 190 13.94 17.87 16.11
N THR B 191 13.51 16.64 16.37
CA THR B 191 12.34 16.31 17.22
C THR B 191 12.45 17.00 18.56
N ILE B 192 11.34 17.56 19.06
CA ILE B 192 11.35 18.07 20.47
C ILE B 192 11.19 16.87 21.42
N PRO B 193 12.05 16.72 22.44
CA PRO B 193 11.93 15.61 23.38
C PRO B 193 10.48 15.42 23.86
N GLU B 194 10.02 14.16 23.84
CA GLU B 194 8.65 13.71 24.21
C GLU B 194 8.73 13.04 25.55
N VAL B 195 7.61 12.89 26.21
CA VAL B 195 7.51 12.02 27.41
C VAL B 195 6.45 10.98 27.10
N ALA C 3 -15.15 -27.66 -8.03
CA ALA C 3 -14.65 -26.29 -7.59
C ALA C 3 -13.23 -26.39 -7.02
N GLU C 4 -13.02 -27.23 -6.00
CA GLU C 4 -11.79 -27.27 -5.14
C GLU C 4 -10.63 -27.89 -5.94
N ILE C 5 -9.43 -27.29 -5.88
CA ILE C 5 -8.32 -27.55 -6.83
C ILE C 5 -7.66 -28.91 -6.49
N LYS C 6 -7.68 -29.84 -7.46
CA LYS C 6 -7.18 -31.25 -7.31
C LYS C 6 -5.71 -31.31 -7.74
N GLN C 7 -4.80 -31.50 -6.78
CA GLN C 7 -3.32 -31.56 -6.98
C GLN C 7 -2.89 -32.74 -7.88
N GLY C 8 -1.61 -32.76 -8.27
CA GLY C 8 -1.11 -33.69 -9.28
C GLY C 8 -1.76 -33.50 -10.65
N ILE C 9 -1.74 -34.58 -11.41
CA ILE C 9 -1.82 -34.66 -12.89
C ILE C 9 -2.94 -35.66 -13.21
N ARG C 10 -3.69 -35.46 -14.26
CA ARG C 10 -4.71 -36.45 -14.62
C ARG C 10 -4.70 -36.49 -16.15
N GLU C 11 -5.29 -37.57 -16.71
CA GLU C 11 -5.45 -37.80 -18.16
C GLU C 11 -6.92 -37.56 -18.52
N VAL C 12 -7.18 -36.90 -19.65
CA VAL C 12 -8.55 -36.77 -20.24
C VAL C 12 -8.46 -37.23 -21.68
N ILE C 13 -9.55 -37.81 -22.17
CA ILE C 13 -9.65 -38.31 -23.56
C ILE C 13 -10.82 -37.54 -24.17
N LEU C 14 -10.63 -37.01 -25.39
CA LEU C 14 -11.63 -36.19 -26.10
C LEU C 14 -11.81 -36.74 -27.51
N CYS C 15 -12.98 -36.46 -28.09
CA CYS C 15 -13.23 -36.53 -29.56
C CYS C 15 -13.59 -35.15 -30.06
N LYS C 16 -13.12 -34.82 -31.26
CA LYS C 16 -13.60 -33.63 -32.01
C LYS C 16 -15.12 -33.73 -32.18
N ASP C 17 -15.82 -32.62 -32.32
CA ASP C 17 -17.28 -32.68 -32.58
C ASP C 17 -17.46 -32.85 -34.08
N GLN C 18 -18.70 -32.73 -34.55
CA GLN C 18 -19.04 -32.77 -35.98
C GLN C 18 -18.20 -31.73 -36.74
N ASP C 19 -17.86 -30.58 -36.15
CA ASP C 19 -17.19 -29.48 -36.91
C ASP C 19 -15.68 -29.61 -36.78
N GLY C 20 -15.17 -30.70 -36.20
CA GLY C 20 -13.72 -30.96 -36.05
C GLY C 20 -13.08 -30.06 -34.99
N LYS C 21 -13.87 -29.58 -34.02
CA LYS C 21 -13.32 -28.76 -32.92
C LYS C 21 -13.53 -29.48 -31.60
N ILE C 22 -12.62 -29.26 -30.65
CA ILE C 22 -12.78 -29.69 -29.22
C ILE C 22 -13.19 -28.51 -28.30
N GLY C 23 -13.08 -27.26 -28.76
CA GLY C 23 -13.60 -26.05 -28.11
C GLY C 23 -12.66 -25.52 -27.07
N LEU C 24 -11.41 -25.30 -27.47
CA LEU C 24 -10.33 -24.83 -26.62
C LEU C 24 -9.51 -23.75 -27.33
N ARG C 25 -8.96 -22.82 -26.54
CA ARG C 25 -7.93 -21.86 -26.96
C ARG C 25 -6.80 -21.99 -25.94
N LEU C 26 -5.55 -22.13 -26.40
CA LEU C 26 -4.43 -22.40 -25.50
C LEU C 26 -3.45 -21.24 -25.57
N LYS C 27 -2.68 -21.05 -24.49
CA LYS C 27 -1.77 -19.89 -24.34
C LYS C 27 -0.50 -20.40 -23.68
N SER C 28 0.64 -20.01 -24.25
CA SER C 28 2.02 -20.17 -23.71
C SER C 28 2.22 -19.24 -22.50
N ILE C 29 2.36 -19.81 -21.31
CA ILE C 29 2.79 -19.04 -20.12
C ILE C 29 4.04 -19.70 -19.53
N ASP C 30 5.12 -18.93 -19.37
CA ASP C 30 6.29 -19.40 -18.59
C ASP C 30 6.72 -20.79 -19.10
N ASN C 31 6.71 -20.99 -20.43
CA ASN C 31 7.15 -22.23 -21.14
C ASN C 31 6.27 -23.44 -20.78
N GLY C 32 5.08 -23.22 -20.25
CA GLY C 32 3.99 -24.20 -20.27
C GLY C 32 2.92 -23.77 -21.21
N ILE C 33 1.92 -24.62 -21.36
CA ILE C 33 0.71 -24.31 -22.16
C ILE C 33 -0.47 -24.37 -21.20
N PHE C 34 -1.39 -23.41 -21.35
CA PHE C 34 -2.55 -23.25 -20.43
C PHE C 34 -3.79 -22.97 -21.23
N VAL C 35 -4.93 -23.37 -20.67
CA VAL C 35 -6.28 -23.15 -21.28
C VAL C 35 -6.68 -21.70 -20.98
N GLN C 36 -6.76 -20.83 -21.98
CA GLN C 36 -7.27 -19.45 -21.83
C GLN C 36 -8.73 -19.41 -22.22
N LEU C 37 -9.28 -20.45 -22.84
CA LEU C 37 -10.72 -20.51 -23.09
C LEU C 37 -11.18 -21.96 -23.31
N VAL C 38 -12.25 -22.34 -22.60
CA VAL C 38 -13.03 -23.60 -22.82
C VAL C 38 -14.41 -23.15 -23.28
N GLN C 39 -14.83 -23.59 -24.49
CA GLN C 39 -16.15 -23.18 -25.05
C GLN C 39 -17.25 -23.98 -24.35
N ALA C 40 -18.30 -23.25 -23.89
CA ALA C 40 -19.57 -23.84 -23.41
C ALA C 40 -20.01 -24.89 -24.44
N ASN C 41 -20.58 -26.01 -23.98
CA ASN C 41 -21.19 -27.06 -24.84
C ASN C 41 -20.16 -27.62 -25.83
N SER C 42 -18.88 -27.62 -25.46
CA SER C 42 -17.77 -28.18 -26.26
C SER C 42 -17.35 -29.54 -25.71
N PRO C 43 -16.67 -30.40 -26.51
CA PRO C 43 -15.99 -31.60 -25.98
C PRO C 43 -15.05 -31.35 -24.81
N ALA C 44 -14.31 -30.25 -24.90
CA ALA C 44 -13.41 -29.79 -23.83
C ALA C 44 -14.18 -29.56 -22.51
N SER C 45 -15.30 -28.85 -22.55
CA SER C 45 -16.06 -28.51 -21.31
C SER C 45 -16.58 -29.83 -20.71
N LEU C 46 -17.13 -30.69 -21.58
CA LEU C 46 -17.85 -31.93 -21.20
C LEU C 46 -16.91 -32.89 -20.44
N VAL C 47 -15.63 -32.98 -20.82
CA VAL C 47 -14.67 -33.90 -20.14
C VAL C 47 -14.03 -33.18 -18.95
N GLY C 48 -14.41 -31.92 -18.69
CA GLY C 48 -14.04 -31.21 -17.44
C GLY C 48 -12.78 -30.38 -17.53
N LEU C 49 -12.41 -29.89 -18.71
CA LEU C 49 -11.30 -28.92 -18.79
C LEU C 49 -11.80 -27.54 -18.31
N ARG C 50 -10.95 -26.78 -17.63
CA ARG C 50 -11.31 -25.43 -17.13
C ARG C 50 -10.24 -24.43 -17.52
N PHE C 51 -10.66 -23.19 -17.69
CA PHE C 51 -9.80 -22.00 -17.70
C PHE C 51 -8.69 -22.19 -16.68
N GLY C 52 -7.45 -21.85 -17.05
CA GLY C 52 -6.34 -21.93 -16.10
C GLY C 52 -5.63 -23.30 -16.03
N ASP C 53 -6.23 -24.37 -16.60
CA ASP C 53 -5.64 -25.74 -16.63
C ASP C 53 -4.33 -25.73 -17.46
N GLN C 54 -3.28 -26.38 -16.96
CA GLN C 54 -1.99 -26.63 -17.69
C GLN C 54 -2.07 -27.96 -18.45
N VAL C 55 -1.80 -27.95 -19.74
CA VAL C 55 -1.66 -29.15 -20.60
C VAL C 55 -0.15 -29.50 -20.64
N LEU C 56 0.22 -30.56 -19.91
CA LEU C 56 1.60 -31.13 -19.86
C LEU C 56 1.93 -31.90 -21.15
N GLN C 57 1.00 -32.76 -21.61
CA GLN C 57 1.17 -33.58 -22.83
C GLN C 57 -0.12 -33.56 -23.65
N ILE C 58 0.02 -33.56 -24.96
CA ILE C 58 -1.04 -33.93 -25.94
C ILE C 58 -0.55 -35.14 -26.75
N ASN C 59 -1.44 -36.13 -26.92
CA ASN C 59 -1.15 -37.52 -27.36
C ASN C 59 0.27 -37.92 -26.95
N GLY C 60 0.61 -37.85 -25.66
CA GLY C 60 1.89 -38.35 -25.13
C GLY C 60 3.07 -37.46 -25.46
N GLU C 61 2.93 -36.39 -26.23
CA GLU C 61 4.02 -35.40 -26.46
C GLU C 61 4.09 -34.27 -25.40
N ASN C 62 5.28 -33.87 -24.95
CA ASN C 62 5.45 -32.79 -23.93
C ASN C 62 5.15 -31.42 -24.55
N CYS C 63 4.41 -30.59 -23.82
CA CYS C 63 3.97 -29.27 -24.31
C CYS C 63 5.05 -28.22 -24.03
N ALA C 64 6.00 -28.55 -23.16
CA ALA C 64 7.00 -27.63 -22.60
C ALA C 64 7.67 -26.90 -23.77
N GLY C 65 7.74 -25.57 -23.69
CA GLY C 65 8.33 -24.69 -24.70
C GLY C 65 7.41 -24.40 -25.85
N TRP C 66 6.28 -25.11 -26.01
CA TRP C 66 5.45 -24.90 -27.21
C TRP C 66 4.94 -23.47 -27.27
N SER C 67 4.99 -22.84 -28.43
CA SER C 67 4.22 -21.62 -28.74
C SER C 67 2.74 -21.99 -28.66
N SER C 68 1.86 -20.98 -28.58
CA SER C 68 0.39 -21.15 -28.69
C SER C 68 0.08 -21.70 -30.07
N ASP C 69 0.73 -21.10 -31.08
CA ASP C 69 0.54 -21.46 -32.52
C ASP C 69 0.86 -22.95 -32.69
N LYS C 70 1.97 -23.43 -32.12
CA LYS C 70 2.31 -24.88 -32.17
C LYS C 70 1.22 -25.75 -31.52
N ALA C 71 0.85 -25.46 -30.28
CA ALA C 71 -0.17 -26.26 -29.53
C ALA C 71 -1.44 -26.34 -30.36
N HIS C 72 -1.88 -25.23 -30.97
CA HIS C 72 -3.08 -25.23 -31.84
C HIS C 72 -2.81 -26.05 -33.12
N LYS C 73 -1.65 -25.86 -33.78
CA LYS C 73 -1.40 -26.67 -35.01
C LYS C 73 -1.47 -28.17 -34.64
N VAL C 74 -0.86 -28.57 -33.53
CA VAL C 74 -0.82 -29.99 -33.12
C VAL C 74 -2.26 -30.49 -32.96
N LEU C 75 -3.13 -29.72 -32.31
CA LEU C 75 -4.53 -30.20 -32.08
C LEU C 75 -5.30 -30.14 -33.39
N LYS C 76 -5.03 -29.16 -34.25
CA LYS C 76 -5.76 -29.04 -35.55
C LYS C 76 -5.57 -30.34 -36.34
N GLN C 77 -4.34 -30.88 -36.27
CA GLN C 77 -3.82 -32.03 -37.08
C GLN C 77 -4.12 -33.41 -36.46
N ALA C 78 -4.34 -33.53 -35.15
CA ALA C 78 -4.66 -34.81 -34.48
C ALA C 78 -6.03 -35.33 -34.95
N PHE C 79 -6.03 -36.47 -35.67
CA PHE C 79 -7.25 -37.08 -36.24
C PHE C 79 -7.23 -38.60 -36.05
N GLY C 80 -6.32 -39.10 -35.20
CA GLY C 80 -6.27 -40.52 -34.84
C GLY C 80 -7.68 -41.06 -34.70
N GLU C 81 -8.19 -41.10 -33.47
CA GLU C 81 -9.63 -41.24 -33.13
C GLU C 81 -9.92 -40.39 -31.88
N LYS C 82 -9.29 -40.77 -30.76
CA LYS C 82 -9.38 -40.04 -29.47
C LYS C 82 -8.15 -39.14 -29.34
N ILE C 83 -8.27 -38.03 -28.60
CA ILE C 83 -7.14 -37.10 -28.33
C ILE C 83 -6.93 -37.20 -26.83
N THR C 84 -5.75 -37.58 -26.39
CA THR C 84 -5.47 -37.69 -24.95
C THR C 84 -4.63 -36.47 -24.55
N MET C 85 -4.92 -35.94 -23.39
CA MET C 85 -4.26 -34.75 -22.80
C MET C 85 -3.95 -35.11 -21.36
N THR C 86 -2.75 -34.78 -20.89
CA THR C 86 -2.33 -34.85 -19.48
C THR C 86 -2.37 -33.43 -18.92
N ILE C 87 -3.05 -33.25 -17.81
CA ILE C 87 -3.54 -31.94 -17.29
C ILE C 87 -3.06 -31.75 -15.87
N ARG C 88 -2.42 -30.62 -15.55
CA ARG C 88 -2.36 -30.14 -14.15
C ARG C 88 -3.55 -29.21 -13.91
N ASP C 89 -4.28 -29.44 -12.84
CA ASP C 89 -5.52 -28.70 -12.45
C ASP C 89 -5.22 -27.26 -12.01
N ARG C 90 -5.71 -26.30 -12.79
CA ARG C 90 -5.76 -24.85 -12.43
C ARG C 90 -4.61 -24.47 -11.51
N PRO C 91 -3.33 -24.71 -11.88
CA PRO C 91 -2.21 -24.59 -10.95
C PRO C 91 -1.83 -23.19 -10.47
N PHE C 92 -2.25 -22.14 -11.19
CA PHE C 92 -2.08 -20.73 -10.76
C PHE C 92 -3.21 -20.27 -9.81
N GLU C 93 -4.22 -21.10 -9.55
CA GLU C 93 -5.42 -20.66 -8.80
C GLU C 93 -5.45 -21.26 -7.41
N ARG C 94 -6.13 -20.58 -6.48
N ARG C 94 -6.14 -20.59 -6.49
CA ARG C 94 -6.47 -21.08 -5.12
CA ARG C 94 -6.46 -21.13 -5.13
C ARG C 94 -7.97 -20.87 -4.92
C ARG C 94 -7.93 -20.84 -4.86
N THR C 95 -8.58 -21.65 -4.03
CA THR C 95 -10.02 -21.48 -3.67
C THR C 95 -10.07 -20.96 -2.24
N ILE C 96 -10.95 -20.01 -1.94
CA ILE C 96 -11.14 -19.49 -0.56
C ILE C 96 -12.58 -19.73 -0.21
N THR C 97 -12.83 -20.33 0.96
CA THR C 97 -14.22 -20.55 1.44
C THR C 97 -14.53 -19.50 2.51
N MET C 98 -15.65 -18.82 2.31
CA MET C 98 -16.14 -17.73 3.20
C MET C 98 -17.62 -17.95 3.49
N HIS C 99 -18.07 -17.34 4.59
CA HIS C 99 -19.44 -17.41 5.15
C HIS C 99 -20.01 -15.99 5.13
N LYS C 100 -21.16 -15.76 4.51
CA LYS C 100 -21.86 -14.45 4.52
C LYS C 100 -22.22 -14.09 5.97
N ASP C 101 -22.15 -12.81 6.34
CA ASP C 101 -22.63 -12.28 7.65
C ASP C 101 -24.17 -12.27 7.59
N SER C 102 -24.85 -11.80 8.66
CA SER C 102 -26.34 -11.79 8.76
C SER C 102 -26.96 -10.66 7.91
N THR C 103 -26.18 -9.76 7.29
CA THR C 103 -26.67 -8.86 6.20
C THR C 103 -26.35 -9.42 4.80
N GLY C 104 -25.98 -10.70 4.68
CA GLY C 104 -25.65 -11.34 3.37
C GLY C 104 -24.34 -10.84 2.72
N HIS C 105 -23.40 -10.27 3.48
CA HIS C 105 -22.11 -9.75 2.95
C HIS C 105 -20.99 -10.76 3.28
N VAL C 106 -20.06 -10.96 2.33
CA VAL C 106 -18.86 -11.86 2.45
C VAL C 106 -17.66 -11.06 2.95
N GLY C 107 -17.46 -9.87 2.38
CA GLY C 107 -16.53 -8.87 2.94
C GLY C 107 -15.50 -8.36 1.97
N PHE C 108 -15.85 -8.08 0.71
CA PHE C 108 -14.81 -7.63 -0.24
C PHE C 108 -15.48 -6.81 -1.34
N ILE C 109 -14.68 -5.97 -1.98
CA ILE C 109 -15.07 -5.07 -3.09
C ILE C 109 -14.25 -5.44 -4.33
N PHE C 110 -14.86 -5.41 -5.50
CA PHE C 110 -14.17 -5.81 -6.74
C PHE C 110 -14.63 -4.91 -7.87
N LYS C 111 -13.85 -4.88 -8.96
CA LYS C 111 -14.19 -4.17 -10.21
C LYS C 111 -13.43 -4.85 -11.35
N ASN C 112 -14.09 -5.10 -12.47
CA ASN C 112 -13.55 -5.92 -13.60
C ASN C 112 -13.08 -7.29 -13.05
N GLY C 113 -13.92 -7.89 -12.19
CA GLY C 113 -13.70 -9.22 -11.61
C GLY C 113 -12.52 -9.29 -10.66
N LYS C 114 -11.81 -8.16 -10.47
CA LYS C 114 -10.61 -8.13 -9.60
C LYS C 114 -10.97 -7.58 -8.22
N ILE C 115 -10.55 -8.26 -7.16
CA ILE C 115 -10.81 -7.86 -5.75
C ILE C 115 -9.91 -6.70 -5.41
N THR C 116 -10.49 -5.60 -4.88
CA THR C 116 -9.78 -4.31 -4.72
C THR C 116 -9.60 -4.00 -3.23
N SER C 117 -10.52 -4.43 -2.37
CA SER C 117 -10.38 -4.21 -0.91
C SER C 117 -11.10 -5.31 -0.15
N ILE C 118 -10.58 -5.64 1.03
CA ILE C 118 -11.19 -6.57 2.00
C ILE C 118 -11.85 -5.75 3.12
N VAL C 119 -13.07 -6.08 3.48
CA VAL C 119 -13.78 -5.44 4.63
C VAL C 119 -13.27 -6.04 5.94
N LYS C 120 -13.05 -5.18 6.95
CA LYS C 120 -12.56 -5.56 8.30
C LYS C 120 -13.63 -6.38 9.03
N ASP C 121 -13.21 -7.37 9.82
CA ASP C 121 -14.07 -8.25 10.65
C ASP C 121 -14.92 -9.17 9.76
N SER C 122 -14.76 -9.08 8.44
CA SER C 122 -15.49 -9.93 7.46
C SER C 122 -14.87 -11.34 7.39
N SER C 123 -15.65 -12.30 6.86
CA SER C 123 -15.22 -13.69 6.59
C SER C 123 -14.02 -13.69 5.63
N ALA C 124 -14.10 -12.89 4.56
CA ALA C 124 -12.96 -12.62 3.64
C ALA C 124 -11.67 -12.39 4.43
N ALA C 125 -11.68 -11.43 5.38
CA ALA C 125 -10.53 -11.07 6.24
C ALA C 125 -10.06 -12.29 7.05
N ARG C 126 -10.99 -12.98 7.73
CA ARG C 126 -10.68 -14.15 8.62
C ARG C 126 -10.00 -15.24 7.79
N ASN C 127 -10.50 -15.43 6.57
CA ASN C 127 -10.02 -16.47 5.62
C ASN C 127 -8.84 -15.94 4.78
N GLY C 128 -8.41 -14.68 5.00
CA GLY C 128 -7.28 -14.04 4.33
C GLY C 128 -7.40 -14.00 2.80
N LEU C 129 -8.56 -13.62 2.26
CA LEU C 129 -8.71 -13.27 0.83
C LEU C 129 -7.78 -12.11 0.51
N LEU C 130 -7.26 -12.04 -0.72
CA LEU C 130 -6.21 -11.08 -1.13
C LEU C 130 -6.83 -10.16 -2.17
N THR C 131 -6.31 -8.93 -2.25
CA THR C 131 -6.67 -7.96 -3.31
C THR C 131 -5.70 -8.19 -4.45
N GLU C 132 -5.94 -7.54 -5.59
CA GLU C 132 -5.11 -7.68 -6.82
C GLU C 132 -5.15 -9.14 -7.27
N HIS C 133 -6.33 -9.79 -7.12
CA HIS C 133 -6.59 -11.18 -7.58
C HIS C 133 -7.89 -11.17 -8.33
N ASN C 134 -7.91 -11.87 -9.45
CA ASN C 134 -9.10 -11.93 -10.30
C ASN C 134 -9.93 -13.13 -9.86
N ILE C 135 -11.24 -12.98 -9.94
CA ILE C 135 -12.23 -14.03 -9.59
C ILE C 135 -12.40 -14.88 -10.84
N CYS C 136 -12.05 -16.17 -10.75
CA CYS C 136 -12.09 -17.11 -11.91
C CYS C 136 -13.39 -17.87 -11.83
N GLU C 137 -13.72 -18.29 -10.61
CA GLU C 137 -14.92 -19.12 -10.38
C GLU C 137 -15.62 -18.74 -9.06
N ILE C 138 -16.93 -18.95 -9.02
CA ILE C 138 -17.74 -18.88 -7.78
C ILE C 138 -18.49 -20.20 -7.66
N ASN C 139 -18.28 -20.93 -6.55
CA ASN C 139 -18.87 -22.26 -6.31
C ASN C 139 -18.72 -23.13 -7.58
N GLY C 140 -17.49 -23.23 -8.10
CA GLY C 140 -17.14 -24.11 -9.23
C GLY C 140 -17.67 -23.62 -10.57
N GLN C 141 -18.31 -22.45 -10.61
CA GLN C 141 -18.86 -21.87 -11.88
C GLN C 141 -17.87 -20.82 -12.42
N ASN C 142 -17.52 -20.94 -13.70
CA ASN C 142 -16.56 -20.03 -14.37
C ASN C 142 -17.29 -18.67 -14.51
N VAL C 143 -16.71 -17.55 -14.09
CA VAL C 143 -17.41 -16.24 -14.25
C VAL C 143 -16.59 -15.29 -15.10
N ILE C 144 -15.60 -15.79 -15.84
CA ILE C 144 -14.65 -14.94 -16.60
C ILE C 144 -15.36 -14.37 -17.82
N GLY C 145 -15.41 -13.05 -17.93
CA GLY C 145 -16.11 -12.37 -19.03
C GLY C 145 -17.53 -11.90 -18.70
N LEU C 146 -18.05 -12.26 -17.51
CA LEU C 146 -19.34 -11.75 -16.97
C LEU C 146 -19.10 -10.31 -16.48
N LYS C 147 -20.06 -9.41 -16.72
CA LYS C 147 -20.01 -8.03 -16.16
C LYS C 147 -20.08 -8.14 -14.63
N ASP C 148 -19.60 -7.09 -13.94
CA ASP C 148 -19.49 -7.07 -12.46
C ASP C 148 -20.88 -7.30 -11.86
N SER C 149 -21.92 -6.80 -12.52
CA SER C 149 -23.31 -6.94 -12.05
C SER C 149 -23.73 -8.42 -12.04
N GLN C 150 -23.28 -9.22 -13.01
CA GLN C 150 -23.59 -10.68 -13.09
C GLN C 150 -22.83 -11.39 -11.96
N ILE C 151 -21.58 -11.04 -11.74
CA ILE C 151 -20.82 -11.66 -10.63
C ILE C 151 -21.55 -11.36 -9.30
N ALA C 152 -22.00 -10.11 -9.11
CA ALA C 152 -22.67 -9.68 -7.85
C ALA C 152 -24.00 -10.45 -7.69
N ASP C 153 -24.78 -10.65 -8.75
CA ASP C 153 -26.01 -11.49 -8.70
C ASP C 153 -25.64 -12.91 -8.22
N ILE C 154 -24.60 -13.49 -8.82
CA ILE C 154 -24.18 -14.88 -8.47
C ILE C 154 -23.76 -14.91 -7.00
N LEU C 155 -22.99 -13.94 -6.54
CA LEU C 155 -22.62 -13.83 -5.10
C LEU C 155 -23.92 -13.67 -4.29
N SER C 156 -24.90 -12.92 -4.76
CA SER C 156 -26.18 -12.67 -4.03
C SER C 156 -26.94 -13.97 -3.74
N THR C 157 -27.21 -14.73 -4.79
CA THR C 157 -28.16 -15.87 -4.80
C THR C 157 -27.50 -17.14 -4.30
N SER C 158 -26.19 -17.22 -4.29
CA SER C 158 -25.46 -18.30 -3.59
C SER C 158 -25.97 -18.34 -2.16
N GLY C 159 -25.69 -19.43 -1.47
CA GLY C 159 -26.12 -19.59 -0.08
C GLY C 159 -25.21 -18.79 0.81
N THR C 160 -25.17 -19.14 2.08
CA THR C 160 -24.36 -18.40 3.07
C THR C 160 -22.91 -18.86 2.93
N VAL C 161 -22.67 -20.05 2.37
CA VAL C 161 -21.28 -20.56 2.19
C VAL C 161 -20.85 -20.31 0.75
N VAL C 162 -19.74 -19.60 0.57
CA VAL C 162 -19.27 -19.09 -0.75
C VAL C 162 -17.82 -19.53 -0.98
N THR C 163 -17.56 -20.25 -2.05
CA THR C 163 -16.16 -20.58 -2.40
C THR C 163 -15.78 -19.81 -3.65
N ILE C 164 -14.74 -18.99 -3.55
CA ILE C 164 -14.19 -18.20 -4.69
C ILE C 164 -12.88 -18.88 -5.13
N THR C 165 -12.75 -19.15 -6.42
CA THR C 165 -11.45 -19.52 -7.01
C THR C 165 -10.83 -18.22 -7.51
N ILE C 166 -9.61 -17.93 -7.11
CA ILE C 166 -8.89 -16.66 -7.44
C ILE C 166 -7.53 -16.96 -8.11
N MET C 167 -7.06 -16.00 -8.90
CA MET C 167 -5.71 -15.97 -9.54
C MET C 167 -5.03 -14.63 -9.30
N PRO C 168 -3.74 -14.56 -8.98
CA PRO C 168 -3.02 -13.30 -9.04
C PRO C 168 -3.36 -12.51 -10.32
N ALA C 169 -3.61 -11.21 -10.17
CA ALA C 169 -4.06 -10.34 -11.29
C ALA C 169 -3.08 -10.36 -12.49
N PHE C 170 -1.78 -10.34 -12.19
N PHE C 170 -1.78 -10.23 -12.23
CA PHE C 170 -0.70 -10.22 -13.21
CA PHE C 170 -0.72 -10.25 -13.28
C PHE C 170 -0.55 -11.54 -13.99
C PHE C 170 -0.92 -11.54 -14.10
N ILE C 171 -0.97 -12.68 -13.42
CA ILE C 171 -1.02 -13.99 -14.12
C ILE C 171 -2.30 -14.01 -14.91
N PHE C 172 -3.42 -13.67 -14.27
CA PHE C 172 -4.70 -13.51 -14.98
C PHE C 172 -4.50 -12.63 -16.24
N GLU C 173 -3.86 -11.46 -16.09
CA GLU C 173 -3.71 -10.49 -17.21
C GLU C 173 -2.86 -11.14 -18.32
N HIS C 174 -1.92 -12.01 -17.96
CA HIS C 174 -1.05 -12.73 -18.95
C HIS C 174 -1.89 -13.75 -19.72
N ILE C 175 -2.67 -14.58 -19.03
CA ILE C 175 -3.50 -15.67 -19.64
C ILE C 175 -4.50 -15.04 -20.62
N ILE C 176 -5.15 -13.92 -20.33
CA ILE C 176 -6.26 -13.46 -21.23
C ILE C 176 -5.74 -12.60 -22.40
N LYS C 177 -4.43 -12.31 -22.41
CA LYS C 177 -3.75 -11.63 -23.56
C LYS C 177 -4.07 -12.39 -24.83
N ARG C 178 -4.03 -11.71 -25.98
CA ARG C 178 -4.11 -12.36 -27.31
C ARG C 178 -5.49 -13.05 -27.41
N MET C 179 -6.51 -12.37 -26.88
CA MET C 179 -7.94 -12.79 -26.95
C MET C 179 -8.81 -11.52 -26.94
N ALA C 180 -9.78 -11.39 -27.84
CA ALA C 180 -10.67 -10.22 -27.90
C ALA C 180 -11.76 -10.36 -26.83
N PRO C 181 -11.87 -9.38 -25.91
CA PRO C 181 -12.88 -9.44 -24.84
C PRO C 181 -14.30 -9.86 -25.28
N SER C 182 -14.74 -9.37 -26.44
CA SER C 182 -16.10 -9.56 -27.01
C SER C 182 -16.33 -11.03 -27.39
N ILE C 183 -15.34 -11.66 -28.03
CA ILE C 183 -15.43 -13.10 -28.46
C ILE C 183 -15.19 -13.98 -27.23
N MET C 184 -14.28 -13.60 -26.32
CA MET C 184 -14.11 -14.27 -25.01
C MET C 184 -15.47 -14.32 -24.29
N LYS C 185 -16.09 -13.15 -24.10
CA LYS C 185 -17.43 -13.03 -23.46
C LYS C 185 -18.43 -13.97 -24.15
N SER C 186 -18.56 -13.95 -25.47
CA SER C 186 -19.54 -14.79 -26.21
C SER C 186 -19.32 -16.29 -25.98
N LEU C 187 -18.08 -16.78 -25.77
CA LEU C 187 -17.73 -18.22 -25.96
C LEU C 187 -17.36 -18.89 -24.64
N MET C 188 -16.83 -18.15 -23.67
CA MET C 188 -16.37 -18.75 -22.41
C MET C 188 -17.49 -19.55 -21.74
N ASP C 189 -17.11 -20.71 -21.24
CA ASP C 189 -18.03 -21.70 -20.62
C ASP C 189 -18.43 -21.17 -19.24
N HIS C 190 -19.73 -21.14 -18.93
CA HIS C 190 -20.26 -20.73 -17.59
C HIS C 190 -21.20 -21.81 -17.05
N THR C 191 -21.05 -23.03 -17.54
CA THR C 191 -21.98 -24.15 -17.26
C THR C 191 -21.93 -24.43 -15.77
N ILE C 192 -23.04 -24.91 -15.26
CA ILE C 192 -23.06 -25.63 -13.97
C ILE C 192 -23.25 -27.09 -14.37
N PRO C 193 -22.24 -27.93 -14.12
CA PRO C 193 -22.24 -29.30 -14.65
C PRO C 193 -23.23 -30.20 -13.90
N GLU C 194 -23.19 -30.15 -12.57
CA GLU C 194 -24.02 -31.00 -11.67
C GLU C 194 -24.43 -30.14 -10.46
N VAL C 195 -25.68 -30.29 -10.03
CA VAL C 195 -26.24 -29.56 -8.85
C VAL C 195 -26.38 -30.56 -7.70
N ILE D 5 -33.26 21.79 -3.20
CA ILE D 5 -33.59 23.18 -3.74
C ILE D 5 -34.99 23.59 -3.24
N LYS D 6 -35.06 24.49 -2.24
CA LYS D 6 -36.32 25.18 -1.81
C LYS D 6 -36.81 26.11 -2.94
N GLN D 7 -38.12 26.35 -3.00
CA GLN D 7 -38.71 27.35 -3.93
C GLN D 7 -39.18 28.56 -3.10
N GLY D 8 -39.45 29.66 -3.80
CA GLY D 8 -39.66 30.97 -3.16
C GLY D 8 -38.36 31.49 -2.54
N ILE D 9 -38.54 32.29 -1.51
CA ILE D 9 -37.59 33.35 -1.08
C ILE D 9 -37.38 33.18 0.42
N ARG D 10 -36.19 33.44 0.94
CA ARG D 10 -35.95 33.38 2.39
C ARG D 10 -35.05 34.58 2.73
N GLU D 11 -35.18 35.07 3.97
CA GLU D 11 -34.35 36.15 4.55
C GLU D 11 -33.16 35.51 5.27
N VAL D 12 -31.94 36.03 5.07
CA VAL D 12 -30.78 35.66 5.93
C VAL D 12 -30.21 36.94 6.52
N ILE D 13 -29.63 36.82 7.72
CA ILE D 13 -29.02 37.93 8.50
C ILE D 13 -27.62 37.51 8.88
N LEU D 14 -26.64 38.33 8.52
CA LEU D 14 -25.22 37.98 8.71
C LEU D 14 -24.65 39.04 9.60
N CYS D 15 -23.66 38.66 10.41
CA CYS D 15 -22.82 39.57 11.22
C CYS D 15 -21.42 39.58 10.60
N LYS D 16 -20.98 40.75 10.11
CA LYS D 16 -19.59 40.93 9.62
C LYS D 16 -18.64 40.41 10.71
N ASP D 17 -17.59 39.67 10.32
CA ASP D 17 -16.59 39.11 11.27
C ASP D 17 -15.78 40.29 11.84
N GLN D 18 -14.79 40.01 12.69
CA GLN D 18 -13.94 41.03 13.35
C GLN D 18 -13.27 41.91 12.26
N ASP D 19 -13.20 41.41 11.02
CA ASP D 19 -12.40 41.99 9.90
C ASP D 19 -13.29 42.76 8.91
N GLY D 20 -14.56 42.96 9.25
CA GLY D 20 -15.60 43.63 8.45
C GLY D 20 -15.96 42.86 7.19
N LYS D 21 -15.64 41.56 7.14
CA LYS D 21 -15.84 40.66 5.97
C LYS D 21 -17.02 39.71 6.24
N ILE D 22 -17.67 39.23 5.19
CA ILE D 22 -18.75 38.21 5.29
C ILE D 22 -18.37 36.94 4.52
N GLY D 23 -17.40 37.00 3.60
CA GLY D 23 -16.82 35.83 2.91
C GLY D 23 -17.59 35.44 1.67
N LEU D 24 -18.06 36.42 0.92
CA LEU D 24 -18.84 36.25 -0.33
C LEU D 24 -18.15 36.90 -1.52
N ARG D 25 -18.44 36.39 -2.71
CA ARG D 25 -18.20 37.08 -4.01
C ARG D 25 -19.51 36.93 -4.81
N LEU D 26 -19.99 38.03 -5.38
CA LEU D 26 -21.29 38.07 -6.08
C LEU D 26 -21.00 38.35 -7.54
N LYS D 27 -21.88 37.89 -8.42
CA LYS D 27 -21.71 38.00 -9.89
C LYS D 27 -23.03 38.45 -10.51
N SER D 28 -22.93 39.41 -11.44
CA SER D 28 -24.06 39.83 -12.28
C SER D 28 -24.35 38.71 -13.28
N ILE D 29 -25.58 38.25 -13.31
CA ILE D 29 -26.03 37.35 -14.41
C ILE D 29 -27.45 37.73 -14.79
N ASP D 30 -27.68 38.04 -16.06
CA ASP D 30 -29.02 38.31 -16.65
C ASP D 30 -29.76 39.33 -15.74
N ASN D 31 -29.04 40.34 -15.25
CA ASN D 31 -29.57 41.48 -14.47
C ASN D 31 -30.09 41.03 -13.10
N GLY D 32 -29.60 39.90 -12.56
CA GLY D 32 -29.77 39.45 -11.19
C GLY D 32 -28.40 39.42 -10.60
N ILE D 33 -28.31 39.09 -9.33
CA ILE D 33 -27.01 38.99 -8.62
C ILE D 33 -26.98 37.60 -7.96
N PHE D 34 -25.86 36.88 -8.13
CA PHE D 34 -25.74 35.45 -7.72
C PHE D 34 -24.46 35.29 -6.94
N VAL D 35 -24.46 34.38 -5.98
CA VAL D 35 -23.24 33.97 -5.22
C VAL D 35 -22.33 33.15 -6.14
N GLN D 36 -21.11 33.58 -6.37
CA GLN D 36 -20.14 32.84 -7.24
C GLN D 36 -19.05 32.26 -6.36
N LEU D 37 -18.97 32.71 -5.12
CA LEU D 37 -18.09 32.08 -4.13
C LEU D 37 -18.60 32.38 -2.72
N VAL D 38 -18.70 31.35 -1.88
CA VAL D 38 -18.87 31.46 -0.41
C VAL D 38 -17.58 30.94 0.20
N GLN D 39 -16.98 31.64 1.15
CA GLN D 39 -15.72 31.23 1.80
C GLN D 39 -15.96 30.21 2.92
N ALA D 40 -14.98 29.33 3.15
CA ALA D 40 -15.12 28.26 4.15
C ALA D 40 -15.15 28.93 5.51
N ASN D 41 -16.12 28.56 6.33
CA ASN D 41 -16.12 28.89 7.77
C ASN D 41 -16.24 30.41 7.96
N SER D 42 -17.13 31.03 7.20
CA SER D 42 -17.30 32.51 7.12
C SER D 42 -18.70 32.84 7.58
N PRO D 43 -19.02 34.11 7.93
CA PRO D 43 -20.41 34.50 8.18
C PRO D 43 -21.36 33.95 7.11
N ALA D 44 -21.04 34.21 5.84
CA ALA D 44 -21.79 33.74 4.66
C ALA D 44 -22.02 32.20 4.73
N SER D 45 -21.00 31.37 4.95
CA SER D 45 -21.16 29.88 5.01
C SER D 45 -22.03 29.49 6.20
N LEU D 46 -21.75 30.06 7.37
CA LEU D 46 -22.45 29.76 8.64
C LEU D 46 -23.97 29.97 8.53
N VAL D 47 -24.46 31.05 7.93
CA VAL D 47 -25.95 31.26 7.80
C VAL D 47 -26.49 30.38 6.68
N GLY D 48 -25.60 29.78 5.90
CA GLY D 48 -26.03 28.77 4.91
C GLY D 48 -26.24 29.34 3.56
N LEU D 49 -25.50 30.37 3.20
CA LEU D 49 -25.51 30.84 1.80
C LEU D 49 -24.71 29.83 0.98
N ARG D 50 -25.10 29.67 -0.27
CA ARG D 50 -24.47 28.68 -1.17
C ARG D 50 -24.12 29.30 -2.52
N PHE D 51 -23.05 28.78 -3.10
CA PHE D 51 -22.70 29.02 -4.51
C PHE D 51 -23.96 28.91 -5.33
N GLY D 52 -24.27 29.91 -6.15
CA GLY D 52 -25.40 29.82 -7.09
C GLY D 52 -26.70 30.45 -6.56
N ASP D 53 -26.80 30.75 -5.25
CA ASP D 53 -27.96 31.46 -4.62
C ASP D 53 -28.17 32.84 -5.28
N GLN D 54 -29.41 33.21 -5.58
CA GLN D 54 -29.72 34.58 -6.09
C GLN D 54 -29.98 35.57 -4.94
N VAL D 55 -29.29 36.72 -4.92
CA VAL D 55 -29.55 37.82 -3.95
C VAL D 55 -30.57 38.79 -4.54
N LEU D 56 -31.84 38.75 -4.08
CA LEU D 56 -32.97 39.62 -4.57
C LEU D 56 -32.81 41.04 -4.00
N GLN D 57 -32.43 41.15 -2.71
CA GLN D 57 -32.25 42.42 -1.95
C GLN D 57 -31.04 42.31 -1.03
N ILE D 58 -30.31 43.41 -0.85
CA ILE D 58 -29.41 43.65 0.31
C ILE D 58 -29.95 44.84 1.13
N ASN D 59 -30.32 44.55 2.40
CA ASN D 59 -30.90 45.48 3.40
C ASN D 59 -32.08 46.22 2.77
N GLY D 60 -32.95 45.48 2.07
CA GLY D 60 -34.19 45.98 1.48
C GLY D 60 -34.04 46.71 0.14
N GLU D 61 -32.80 46.96 -0.30
CA GLU D 61 -32.48 47.54 -1.64
C GLU D 61 -32.51 46.42 -2.69
N ASN D 62 -33.26 46.60 -3.79
CA ASN D 62 -33.30 45.59 -4.90
C ASN D 62 -31.95 45.50 -5.64
N CYS D 63 -31.48 44.28 -5.87
CA CYS D 63 -30.19 44.03 -6.58
C CYS D 63 -30.40 44.08 -8.11
N ALA D 64 -31.63 44.14 -8.60
CA ALA D 64 -31.94 44.04 -10.03
C ALA D 64 -31.05 45.02 -10.83
N GLY D 65 -30.39 44.53 -11.87
CA GLY D 65 -29.57 45.33 -12.79
C GLY D 65 -28.27 45.78 -12.17
N TRP D 66 -27.96 45.47 -10.92
CA TRP D 66 -26.64 45.86 -10.35
C TRP D 66 -25.48 45.17 -11.09
N SER D 67 -24.38 45.90 -11.29
CA SER D 67 -23.07 45.31 -11.61
C SER D 67 -22.53 44.57 -10.37
N SER D 68 -21.66 43.60 -10.60
CA SER D 68 -20.77 42.92 -9.61
C SER D 68 -20.11 43.94 -8.70
N ASP D 69 -19.48 44.96 -9.30
CA ASP D 69 -18.71 46.03 -8.59
C ASP D 69 -19.66 46.77 -7.63
N LYS D 70 -20.88 47.09 -8.09
CA LYS D 70 -21.92 47.81 -7.30
C LYS D 70 -22.32 46.95 -6.10
N ALA D 71 -22.74 45.72 -6.37
CA ALA D 71 -23.16 44.77 -5.31
C ALA D 71 -22.05 44.69 -4.26
N HIS D 72 -20.76 44.70 -4.63
CA HIS D 72 -19.64 44.58 -3.64
C HIS D 72 -19.47 45.88 -2.85
N LYS D 73 -19.63 47.01 -3.51
CA LYS D 73 -19.50 48.33 -2.86
C LYS D 73 -20.62 48.41 -1.81
N VAL D 74 -21.82 47.95 -2.17
CA VAL D 74 -22.98 48.08 -1.24
C VAL D 74 -22.70 47.24 0.02
N LEU D 75 -22.16 46.04 -0.14
CA LEU D 75 -21.81 45.14 1.00
C LEU D 75 -20.64 45.72 1.80
N LYS D 76 -19.65 46.29 1.11
CA LYS D 76 -18.41 46.81 1.79
C LYS D 76 -18.79 48.03 2.64
N GLN D 77 -19.78 48.82 2.18
CA GLN D 77 -20.21 50.10 2.80
C GLN D 77 -21.31 49.89 3.84
N ALA D 78 -22.10 48.81 3.76
CA ALA D 78 -23.25 48.55 4.67
C ALA D 78 -22.87 49.02 6.09
N PHE D 79 -23.78 49.76 6.76
CA PHE D 79 -23.44 50.56 7.98
C PHE D 79 -23.30 49.67 9.21
N GLY D 80 -24.41 49.06 9.64
CA GLY D 80 -24.49 48.32 10.92
C GLY D 80 -23.65 47.05 10.89
N GLU D 81 -23.29 46.54 12.06
CA GLU D 81 -22.61 45.22 12.23
C GLU D 81 -23.34 44.16 11.37
N LYS D 82 -24.67 44.25 11.26
CA LYS D 82 -25.58 43.18 10.75
C LYS D 82 -26.15 43.54 9.36
N ILE D 83 -26.37 42.52 8.53
CA ILE D 83 -26.64 42.63 7.07
C ILE D 83 -27.77 41.64 6.78
N THR D 84 -28.81 42.11 6.10
CA THR D 84 -30.00 41.32 5.70
C THR D 84 -29.93 41.11 4.18
N MET D 85 -30.05 39.87 3.74
CA MET D 85 -30.18 39.56 2.30
C MET D 85 -31.46 38.75 2.14
N THR D 86 -32.15 39.00 1.04
CA THR D 86 -33.24 38.15 0.54
C THR D 86 -32.71 37.24 -0.57
N ILE D 87 -32.88 35.93 -0.39
CA ILE D 87 -32.24 34.89 -1.25
C ILE D 87 -33.31 34.07 -1.95
N ARG D 88 -33.10 33.82 -3.24
CA ARG D 88 -33.79 32.70 -3.92
C ARG D 88 -32.77 31.56 -4.01
N ASP D 89 -33.15 30.35 -3.59
CA ASP D 89 -32.29 29.11 -3.53
C ASP D 89 -31.86 28.63 -4.94
N ARG D 90 -30.55 28.64 -5.15
CA ARG D 90 -29.80 28.08 -6.32
C ARG D 90 -30.71 27.92 -7.54
N PRO D 91 -31.31 29.02 -8.01
CA PRO D 91 -32.34 28.95 -9.03
C PRO D 91 -31.84 28.34 -10.34
N PHE D 92 -30.53 28.35 -10.62
CA PHE D 92 -30.01 27.82 -11.91
C PHE D 92 -29.78 26.31 -11.78
N GLU D 93 -29.99 25.71 -10.59
CA GLU D 93 -29.49 24.35 -10.27
C GLU D 93 -30.66 23.39 -10.08
N ARG D 94 -30.44 22.09 -10.29
CA ARG D 94 -31.38 21.03 -9.86
C ARG D 94 -30.63 19.93 -9.15
N THR D 95 -31.34 19.19 -8.33
CA THR D 95 -30.77 18.03 -7.62
C THR D 95 -31.45 16.79 -8.16
N ILE D 96 -30.65 15.78 -8.46
CA ILE D 96 -31.12 14.46 -8.95
C ILE D 96 -30.65 13.46 -7.91
N THR D 97 -31.57 12.65 -7.40
CA THR D 97 -31.25 11.54 -6.47
C THR D 97 -31.09 10.27 -7.30
N MET D 98 -29.98 9.55 -7.06
CA MET D 98 -29.73 8.21 -7.66
C MET D 98 -29.34 7.19 -6.58
N HIS D 99 -29.55 5.90 -6.85
CA HIS D 99 -29.24 4.75 -5.95
C HIS D 99 -28.12 3.92 -6.59
N LYS D 100 -26.99 3.75 -5.91
CA LYS D 100 -25.88 2.88 -6.39
C LYS D 100 -26.47 1.47 -6.68
N ASP D 101 -26.07 0.86 -7.81
CA ASP D 101 -26.36 -0.55 -8.18
C ASP D 101 -25.57 -1.50 -7.23
N SER D 102 -25.69 -2.81 -7.52
CA SER D 102 -25.04 -3.94 -6.82
C SER D 102 -23.52 -3.72 -6.71
N THR D 103 -22.91 -3.00 -7.64
CA THR D 103 -21.44 -2.83 -7.74
C THR D 103 -20.98 -1.40 -7.43
N GLY D 104 -21.85 -0.55 -6.88
CA GLY D 104 -21.46 0.76 -6.32
C GLY D 104 -21.62 1.92 -7.30
N HIS D 105 -22.05 1.68 -8.54
CA HIS D 105 -22.15 2.72 -9.59
C HIS D 105 -23.56 3.33 -9.66
N VAL D 106 -23.64 4.62 -9.98
CA VAL D 106 -24.92 5.34 -10.26
C VAL D 106 -25.05 5.53 -11.76
N GLY D 107 -23.91 5.66 -12.45
CA GLY D 107 -23.80 5.44 -13.90
C GLY D 107 -23.59 6.68 -14.71
N PHE D 108 -22.51 7.42 -14.49
CA PHE D 108 -22.13 8.53 -15.40
C PHE D 108 -20.61 8.74 -15.39
N ILE D 109 -20.11 9.33 -16.49
CA ILE D 109 -18.70 9.79 -16.66
C ILE D 109 -18.71 11.31 -16.57
N PHE D 110 -17.68 11.84 -15.95
CA PHE D 110 -17.39 13.29 -15.98
C PHE D 110 -15.89 13.51 -16.18
N LYS D 111 -15.56 14.66 -16.76
CA LYS D 111 -14.22 15.28 -16.86
C LYS D 111 -14.34 16.78 -16.47
N ASN D 112 -13.45 17.25 -15.57
CA ASN D 112 -13.40 18.63 -15.02
C ASN D 112 -14.77 19.00 -14.39
N GLY D 113 -15.34 18.07 -13.61
CA GLY D 113 -16.62 18.23 -12.91
C GLY D 113 -17.82 18.39 -13.84
N LYS D 114 -17.65 18.22 -15.16
CA LYS D 114 -18.77 18.31 -16.12
C LYS D 114 -19.20 16.90 -16.51
N ILE D 115 -20.50 16.58 -16.49
CA ILE D 115 -21.00 15.22 -16.83
C ILE D 115 -20.97 15.10 -18.34
N THR D 116 -20.35 14.04 -18.87
CA THR D 116 -20.05 13.89 -20.33
C THR D 116 -20.76 12.69 -20.91
N SER D 117 -21.09 11.67 -20.10
CA SER D 117 -21.94 10.57 -20.62
C SER D 117 -22.68 9.86 -19.49
N ILE D 118 -23.83 9.27 -19.86
CA ILE D 118 -24.77 8.51 -18.99
C ILE D 118 -24.70 7.01 -19.36
N VAL D 119 -24.44 6.18 -18.37
CA VAL D 119 -24.33 4.69 -18.53
C VAL D 119 -25.73 4.11 -18.81
N LYS D 120 -25.80 3.21 -19.80
CA LYS D 120 -27.03 2.47 -20.17
C LYS D 120 -27.63 1.80 -18.92
N ASP D 121 -28.95 1.95 -18.73
CA ASP D 121 -29.81 1.17 -17.79
C ASP D 121 -29.26 1.33 -16.38
N SER D 122 -28.68 2.50 -16.06
CA SER D 122 -28.25 2.92 -14.71
C SER D 122 -29.33 3.73 -14.02
N SER D 123 -29.11 4.02 -12.72
CA SER D 123 -29.93 4.97 -11.91
C SER D 123 -29.82 6.36 -12.51
N ALA D 124 -28.63 6.78 -12.90
CA ALA D 124 -28.45 8.06 -13.63
C ALA D 124 -29.36 8.10 -14.83
N ALA D 125 -29.51 7.01 -15.59
CA ALA D 125 -30.39 7.01 -16.78
C ALA D 125 -31.86 7.03 -16.35
N ARG D 126 -32.25 6.18 -15.39
CA ARG D 126 -33.68 6.13 -14.91
C ARG D 126 -34.04 7.53 -14.37
N ASN D 127 -33.12 8.24 -13.72
CA ASN D 127 -33.43 9.54 -13.09
C ASN D 127 -33.17 10.74 -14.05
N GLY D 128 -32.90 10.48 -15.32
CA GLY D 128 -32.84 11.52 -16.36
C GLY D 128 -31.69 12.48 -16.12
N LEU D 129 -30.63 12.06 -15.43
CA LEU D 129 -29.39 12.89 -15.39
C LEU D 129 -28.94 13.33 -16.79
N LEU D 130 -28.35 14.52 -16.90
CA LEU D 130 -27.98 15.16 -18.20
C LEU D 130 -26.44 15.39 -18.33
N THR D 131 -25.96 15.41 -19.57
CA THR D 131 -24.56 15.78 -19.93
C THR D 131 -24.50 17.29 -20.12
N GLU D 132 -23.31 17.83 -20.23
CA GLU D 132 -23.13 19.27 -20.47
C GLU D 132 -23.71 20.03 -19.25
N HIS D 133 -23.52 19.46 -18.06
CA HIS D 133 -23.90 20.08 -16.76
C HIS D 133 -22.75 19.91 -15.78
N ASN D 134 -22.32 21.00 -15.14
CA ASN D 134 -21.31 20.98 -14.07
C ASN D 134 -21.93 20.47 -12.77
N ILE D 135 -21.12 19.73 -12.02
CA ILE D 135 -21.44 19.19 -10.68
C ILE D 135 -21.14 20.33 -9.69
N CYS D 136 -22.15 20.77 -8.95
CA CYS D 136 -22.00 21.86 -7.95
C CYS D 136 -21.83 21.25 -6.59
N GLU D 137 -22.67 20.27 -6.27
CA GLU D 137 -22.75 19.62 -4.94
C GLU D 137 -22.97 18.12 -5.13
N ILE D 138 -22.32 17.34 -4.27
CA ILE D 138 -22.69 15.93 -3.97
C ILE D 138 -23.17 15.85 -2.52
N ASN D 139 -24.39 15.34 -2.34
CA ASN D 139 -25.04 15.14 -1.01
C ASN D 139 -25.00 16.48 -0.24
N GLY D 140 -25.26 17.57 -0.97
CA GLY D 140 -25.29 18.93 -0.44
C GLY D 140 -23.92 19.49 -0.10
N GLN D 141 -22.82 18.78 -0.34
CA GLN D 141 -21.46 19.33 -0.13
C GLN D 141 -21.03 19.98 -1.43
N ASN D 142 -20.51 21.21 -1.32
CA ASN D 142 -19.95 21.98 -2.45
C ASN D 142 -18.68 21.23 -2.91
N VAL D 143 -18.58 20.93 -4.21
CA VAL D 143 -17.32 20.33 -4.79
C VAL D 143 -16.73 21.20 -5.90
N ILE D 144 -17.10 22.47 -5.96
CA ILE D 144 -16.65 23.33 -7.08
C ILE D 144 -15.20 23.69 -6.89
N GLY D 145 -14.37 23.28 -7.84
CA GLY D 145 -12.91 23.53 -7.73
C GLY D 145 -12.13 22.37 -7.14
N LEU D 146 -12.76 21.33 -6.63
CA LEU D 146 -12.06 20.06 -6.27
C LEU D 146 -11.59 19.38 -7.57
N LYS D 147 -10.51 18.63 -7.55
CA LYS D 147 -10.11 17.82 -8.74
C LYS D 147 -11.07 16.62 -8.95
N ASP D 148 -11.05 16.06 -10.17
CA ASP D 148 -11.89 14.90 -10.58
C ASP D 148 -11.63 13.72 -9.66
N SER D 149 -10.38 13.52 -9.20
CA SER D 149 -10.00 12.41 -8.29
C SER D 149 -10.75 12.55 -6.98
N GLN D 150 -10.82 13.77 -6.43
CA GLN D 150 -11.53 14.02 -5.14
C GLN D 150 -13.03 13.88 -5.40
N ILE D 151 -13.54 14.33 -6.52
CA ILE D 151 -15.00 14.11 -6.77
C ILE D 151 -15.27 12.59 -6.81
N ALA D 152 -14.40 11.80 -7.45
CA ALA D 152 -14.54 10.31 -7.52
C ALA D 152 -14.52 9.70 -6.12
N ASP D 153 -13.63 10.19 -5.25
N ASP D 153 -13.65 10.22 -5.24
CA ASP D 153 -13.54 9.78 -3.82
CA ASP D 153 -13.52 9.78 -3.82
C ASP D 153 -14.91 9.96 -3.17
C ASP D 153 -14.85 10.00 -3.09
N ILE D 154 -15.46 11.18 -3.25
CA ILE D 154 -16.73 11.53 -2.58
C ILE D 154 -17.84 10.68 -3.14
N LEU D 155 -17.91 10.52 -4.45
CA LEU D 155 -18.89 9.59 -5.04
C LEU D 155 -18.62 8.16 -4.54
N SER D 156 -17.37 7.71 -4.49
CA SER D 156 -17.11 6.28 -4.18
C SER D 156 -17.44 6.03 -2.70
N THR D 157 -17.20 6.97 -1.79
CA THR D 157 -17.42 6.74 -0.33
C THR D 157 -18.85 7.12 0.10
N SER D 158 -19.69 7.64 -0.79
CA SER D 158 -21.10 7.94 -0.48
C SER D 158 -21.80 6.64 -0.07
N GLY D 159 -22.86 6.74 0.75
CA GLY D 159 -23.84 5.66 0.89
C GLY D 159 -24.57 5.41 -0.42
N THR D 160 -25.58 4.56 -0.37
CA THR D 160 -26.25 4.05 -1.60
C THR D 160 -26.97 5.23 -2.28
N VAL D 161 -27.54 6.13 -1.49
CA VAL D 161 -28.32 7.28 -2.03
C VAL D 161 -27.33 8.38 -2.39
N VAL D 162 -27.29 8.75 -3.66
CA VAL D 162 -26.40 9.82 -4.17
C VAL D 162 -27.28 10.91 -4.73
N THR D 163 -27.27 12.06 -4.06
CA THR D 163 -27.93 13.30 -4.53
C THR D 163 -26.84 14.15 -5.20
N ILE D 164 -27.01 14.51 -6.46
CA ILE D 164 -26.02 15.44 -7.07
C ILE D 164 -26.77 16.71 -7.50
N THR D 165 -26.19 17.87 -7.31
CA THR D 165 -26.81 19.16 -7.65
C THR D 165 -26.04 19.64 -8.88
N ILE D 166 -26.70 19.89 -9.98
CA ILE D 166 -26.03 20.25 -11.27
C ILE D 166 -26.55 21.58 -11.79
N MET D 167 -25.78 22.18 -12.70
CA MET D 167 -26.11 23.45 -13.40
C MET D 167 -25.79 23.27 -14.87
N PRO D 168 -26.63 23.74 -15.80
CA PRO D 168 -26.22 23.81 -17.20
C PRO D 168 -24.81 24.40 -17.33
N ALA D 169 -23.95 23.74 -18.11
CA ALA D 169 -22.53 24.14 -18.26
C ALA D 169 -22.33 25.62 -18.68
N PHE D 170 -23.13 26.14 -19.61
N PHE D 170 -23.19 26.15 -19.55
CA PHE D 170 -22.99 27.54 -20.11
CA PHE D 170 -23.04 27.50 -20.15
C PHE D 170 -23.18 28.51 -18.94
C PHE D 170 -23.39 28.60 -19.14
N ILE D 171 -24.22 28.28 -18.13
CA ILE D 171 -24.53 29.15 -16.98
C ILE D 171 -23.39 29.03 -15.99
N PHE D 172 -22.91 27.81 -15.76
CA PHE D 172 -21.75 27.57 -14.87
C PHE D 172 -20.50 28.32 -15.33
N GLU D 173 -20.20 28.33 -16.63
CA GLU D 173 -19.03 29.07 -17.18
C GLU D 173 -19.23 30.58 -16.94
N HIS D 174 -20.48 31.06 -17.04
CA HIS D 174 -20.84 32.49 -16.84
C HIS D 174 -20.68 32.89 -15.37
N ILE D 175 -21.15 32.10 -14.41
CA ILE D 175 -21.13 32.42 -12.94
C ILE D 175 -19.70 32.44 -12.49
N ILE D 176 -18.84 31.57 -13.01
CA ILE D 176 -17.44 31.49 -12.46
C ILE D 176 -16.49 32.56 -13.09
N LYS D 177 -16.90 33.19 -14.20
CA LYS D 177 -16.06 34.25 -14.81
C LYS D 177 -15.88 35.34 -13.76
N ARG D 178 -14.72 36.02 -13.79
CA ARG D 178 -14.36 37.13 -12.86
C ARG D 178 -13.47 36.60 -11.72
N MET D 179 -13.15 35.30 -11.73
CA MET D 179 -12.29 34.65 -10.71
C MET D 179 -11.14 33.92 -11.39
N ALA D 180 -9.97 33.89 -10.74
CA ALA D 180 -8.81 33.04 -11.09
C ALA D 180 -9.03 31.69 -10.41
N PRO D 181 -9.19 30.59 -11.20
CA PRO D 181 -9.53 29.27 -10.65
C PRO D 181 -8.66 28.83 -9.46
N SER D 182 -7.36 29.20 -9.45
CA SER D 182 -6.38 28.83 -8.40
C SER D 182 -6.79 29.48 -7.07
N ILE D 183 -7.31 30.72 -7.10
CA ILE D 183 -7.72 31.46 -5.87
C ILE D 183 -9.11 30.97 -5.46
N MET D 184 -9.98 30.66 -6.43
CA MET D 184 -11.32 30.07 -6.19
C MET D 184 -11.16 28.69 -5.54
N LYS D 185 -10.23 27.87 -6.05
CA LYS D 185 -9.86 26.55 -5.46
C LYS D 185 -9.59 26.70 -3.96
N SER D 186 -8.84 27.74 -3.53
CA SER D 186 -8.35 27.83 -2.14
C SER D 186 -9.41 28.41 -1.18
N LEU D 187 -10.48 29.02 -1.69
CA LEU D 187 -11.43 29.79 -0.83
C LEU D 187 -12.79 29.11 -0.80
N MET D 188 -13.17 28.47 -1.90
CA MET D 188 -14.51 27.92 -2.06
C MET D 188 -14.75 26.95 -0.91
N ASP D 189 -15.88 27.11 -0.25
CA ASP D 189 -16.36 26.31 0.89
C ASP D 189 -16.68 24.87 0.42
N HIS D 190 -16.12 23.86 1.09
CA HIS D 190 -16.38 22.42 0.81
C HIS D 190 -16.83 21.72 2.10
N THR D 191 -16.98 22.48 3.20
CA THR D 191 -17.34 21.94 4.53
C THR D 191 -18.65 21.15 4.43
N ILE D 192 -18.76 20.11 5.26
CA ILE D 192 -20.03 19.39 5.54
C ILE D 192 -20.54 19.99 6.84
N PRO D 193 -21.70 20.68 6.86
CA PRO D 193 -22.12 21.42 8.06
C PRO D 193 -22.41 20.48 9.24
N GLU D 194 -23.37 19.55 9.04
CA GLU D 194 -23.79 18.50 10.02
C GLU D 194 -23.71 17.12 9.33
N VAL D 195 -23.38 16.08 10.08
CA VAL D 195 -23.28 14.69 9.57
C VAL D 195 -24.35 13.83 10.24
C1 EDO E . 1.68 -8.85 -6.87
O1 EDO E . 1.33 -7.84 -5.95
C2 EDO E . 2.97 -9.50 -6.54
O2 EDO E . 3.06 -9.98 -5.21
C1 EDO F . 0.12 -18.53 -7.15
O1 EDO F . -1.16 -18.49 -6.51
C2 EDO F . 0.23 -19.58 -8.23
O2 EDO F . 1.23 -20.58 -8.00
C1 EDO G . 39.20 14.57 16.99
O1 EDO G . 37.94 14.03 16.65
C2 EDO G . 40.33 13.93 16.28
O2 EDO G . 40.52 12.59 16.66
C1 EDO H . 16.20 15.29 18.63
O1 EDO H . 16.04 16.70 18.64
C2 EDO H . 16.31 14.66 19.99
O2 EDO H . 17.56 14.87 20.62
N DGL I . 38.96 5.24 7.91
CA DGL I . 37.94 6.33 7.79
C DGL I . 36.59 5.83 8.35
O DGL I . 36.39 4.63 8.54
CB DGL I . 38.45 7.60 8.48
CG DGL I . 39.12 7.35 9.82
CD DGL I . 38.84 8.40 10.89
OE1 DGL I . 38.79 8.02 12.07
OE2 DGL I . 38.68 9.60 10.52
OXT DGL I . 35.66 6.62 8.59
N GLY J . 14.70 18.51 27.49
CA GLY J . 15.34 18.74 28.81
C GLY J . 15.46 20.22 29.14
O GLY J . 16.55 20.81 28.99
OXT GLY J . 14.48 20.85 29.56
C10 JFS K . -10.52 -14.97 -33.01
C13 JFS K . -10.21 -15.50 -35.72
C15 JFS K . -11.60 -15.42 -33.72
C01 JFS K . -11.84 -17.27 -28.42
C02 JFS K . -11.79 -17.88 -29.69
C03 JFS K . -11.41 -17.10 -30.81
C04 JFS K . -11.09 -15.71 -30.64
C05 JFS K . -11.14 -15.13 -29.39
C06 JFS K . -11.52 -15.90 -28.25
N07 JFS K . -10.78 -13.80 -29.55
C08 JFS K . -10.50 -13.56 -30.88
N09 JFS K . -10.70 -14.72 -31.53
C11 JFS K . -9.25 -14.77 -33.63
C12 JFS K . -9.11 -15.03 -34.99
C14 JFS K . -11.46 -15.70 -35.10
C16 JFS K . -10.05 -15.78 -37.18
O17 JFS K . -11.25 -15.30 -37.88
C1 EDO L . -16.94 -25.08 -15.16
O1 EDO L . -16.36 -24.69 -13.93
C2 EDO L . -17.51 -23.94 -15.93
O2 EDO L . -18.36 -23.13 -15.15
C1 EDO M . 2.80 -13.87 -15.46
O1 EDO M . 2.11 -14.93 -16.08
C2 EDO M . 4.26 -14.11 -15.37
O2 EDO M . 4.84 -14.57 -16.59
N GLY N . 4.57 -15.73 -26.84
CA GLY N . 3.89 -16.27 -28.05
C GLY N . 2.91 -17.39 -27.69
O GLY N . 3.07 -18.51 -28.19
OXT GLY N . 1.96 -17.22 -26.91
C10 JFS O . -9.38 38.47 -7.01
C13 JFS O . -8.63 41.16 -7.03
C15 JFS O . -10.33 39.45 -7.08
C01 JFS O . -12.15 34.60 -4.54
C02 JFS O . -11.85 35.86 -4.02
C03 JFS O . -11.10 36.77 -4.79
C04 JFS O . -10.66 36.40 -6.09
C05 JFS O . -10.97 35.17 -6.61
C06 JFS O . -11.72 34.23 -5.83
N07 JFS O . -10.44 35.11 -7.88
C08 JFS O . -9.80 36.27 -8.14
N09 JFS O . -9.91 37.06 -7.06
C11 JFS O . -8.02 38.79 -6.97
C12 JFS O . -7.66 40.15 -6.97
C14 JFS O . -9.97 40.83 -7.08
C16 JFS O . -8.23 42.58 -7.03
O17 JFS O . -7.96 42.96 -8.43
C1 EDO P . -22.17 23.31 1.77
O1 EDO P . -22.96 23.02 0.66
C2 EDO P . -20.75 23.53 1.44
O2 EDO P . -20.15 22.36 0.92
C1 EDO Q . -26.17 33.51 -20.08
O1 EDO Q . -26.47 34.73 -19.46
C2 EDO Q . -26.32 32.32 -19.21
O2 EDO Q . -25.40 32.28 -18.14
N ALA R . -18.11 6.08 -12.10
CA ALA R . -18.90 6.68 -10.98
C ALA R . -20.35 6.18 -11.04
O ALA R . -20.96 6.05 -12.12
CB ALA R . -18.82 8.18 -11.05
OXT ALA R . -20.91 5.89 -9.98
N DGL S . -21.18 43.90 -16.01
CA DGL S . -20.43 42.64 -15.74
C DGL S . -20.56 42.28 -14.24
O DGL S . -20.35 41.12 -13.80
CB DGL S . -20.93 41.53 -16.65
CG DGL S . -22.44 41.54 -16.90
CD DGL S . -23.02 40.17 -17.29
OE1 DGL S . -22.26 39.17 -17.29
OE2 DGL S . -24.23 40.13 -17.58
OXT DGL S . -20.89 43.20 -13.47
N GLY T . -25.40 43.21 -16.61
CA GLY T . -25.90 44.42 -15.92
C GLY T . -24.75 45.27 -15.42
O GLY T . -23.65 44.75 -15.26
OXT GLY T . -24.92 46.46 -15.18
#